data_1EL5
#
_entry.id   1EL5
#
_cell.length_a   72.865
_cell.length_b   69.503
_cell.length_c   73.498
_cell.angle_alpha   90.00
_cell.angle_beta   94.25
_cell.angle_gamma   90.00
#
_symmetry.space_group_name_H-M   'P 1 21 1'
#
loop_
_entity.id
_entity.type
_entity.pdbx_description
1 polymer 'SARCOSINE OXIDASE'
2 non-polymer 'PHOSPHATE ION'
3 non-polymer 'CHLORIDE ION'
4 non-polymer 'FLAVIN-ADENINE DINUCLEOTIDE'
5 non-polymer N,N-DIMETHYLGLYCINE
6 water water
#
_entity_poly.entity_id   1
_entity_poly.type   'polypeptide(L)'
_entity_poly.pdbx_seq_one_letter_code
;STHFDVIVVGAGSMGMAAGYQLAKQGVKTLLVDAFDPPHTNGSHHGDTRIIRHAYGEGREYVPLALRSQELWYELEKETH
HKIFTKTGVLVFGPKGESAFVAETMEAAKEHSLTVDLLEGDEINKRWPGITVPENYNAIFEPNSGVLFSENCIRAYRELA
EARGAKVLTHTRVEDFDISPDSVKIETANGSYTADKLIVSMGAWNSKLLSKLNLDIPLQPYRQVVGFFESDESKYSNDID
FPGFMVEVPNGIYYGFPSFGGCGLKLGYHTFGQKIDPDTINREFGVYPEDESNLRAFLEEYMPGANGELKRGAVCMYTKT
LDEHFIIDLHPEHSNVVIAAGFSGHGFKFSSGVGEVLSQLALTGKTEHDISIFSINRPALKESLQKTTI
;
_entity_poly.pdbx_strand_id   A,B
#
# COMPACT_ATOMS: atom_id res chain seq x y z
N SER A 1 -51.35 -15.18 -7.28
CA SER A 1 -52.41 -15.14 -6.23
C SER A 1 -51.86 -15.55 -4.86
N THR A 2 -50.54 -15.40 -4.68
CA THR A 2 -49.94 -15.73 -3.40
C THR A 2 -49.12 -14.55 -2.84
N HIS A 3 -49.67 -14.00 -1.77
CA HIS A 3 -49.15 -12.93 -0.95
C HIS A 3 -48.21 -13.69 0.00
N PHE A 4 -47.15 -13.02 0.43
CA PHE A 4 -46.20 -13.60 1.37
C PHE A 4 -46.10 -12.65 2.55
N ASP A 5 -45.60 -13.13 3.68
CA ASP A 5 -45.39 -12.27 4.84
C ASP A 5 -44.16 -11.39 4.51
N VAL A 6 -43.12 -12.00 3.95
CA VAL A 6 -41.89 -11.26 3.64
C VAL A 6 -41.30 -11.74 2.32
N ILE A 7 -40.80 -10.79 1.55
CA ILE A 7 -40.13 -11.12 0.31
C ILE A 7 -38.66 -10.69 0.41
N VAL A 8 -37.74 -11.59 0.03
CA VAL A 8 -36.33 -11.26 0.03
C VAL A 8 -35.85 -11.19 -1.41
N VAL A 9 -35.34 -10.03 -1.82
CA VAL A 9 -34.84 -9.89 -3.19
C VAL A 9 -33.30 -10.00 -3.14
N GLY A 10 -32.79 -11.10 -3.71
CA GLY A 10 -31.35 -11.34 -3.70
C GLY A 10 -31.13 -12.36 -2.61
N ALA A 11 -31.08 -13.63 -2.98
CA ALA A 11 -30.95 -14.70 -2.03
C ALA A 11 -29.55 -15.25 -1.95
N GLY A 12 -28.60 -14.34 -1.72
CA GLY A 12 -27.21 -14.71 -1.62
C GLY A 12 -26.77 -14.81 -0.18
N SER A 13 -25.56 -14.34 0.10
CA SER A 13 -25.01 -14.42 1.45
C SER A 13 -25.95 -13.90 2.52
N MET A 14 -26.44 -12.68 2.33
CA MET A 14 -27.32 -12.08 3.33
C MET A 14 -28.78 -12.49 3.22
N GLY A 15 -29.30 -12.52 2.00
CA GLY A 15 -30.70 -12.88 1.79
C GLY A 15 -31.06 -14.29 2.21
N MET A 16 -30.18 -15.25 1.90
CA MET A 16 -30.50 -16.62 2.25
C MET A 16 -30.45 -16.87 3.76
N ALA A 17 -29.55 -16.18 4.45
CA ALA A 17 -29.49 -16.29 5.89
C ALA A 17 -30.77 -15.67 6.48
N ALA A 18 -31.20 -14.54 5.94
CA ALA A 18 -32.42 -13.91 6.43
C ALA A 18 -33.57 -14.89 6.20
N GLY A 19 -33.56 -15.54 5.03
CA GLY A 19 -34.63 -16.50 4.68
C GLY A 19 -34.72 -17.60 5.71
N TYR A 20 -33.56 -18.15 6.03
CA TYR A 20 -33.48 -19.18 7.04
C TYR A 20 -34.04 -18.70 8.38
N GLN A 21 -33.62 -17.52 8.81
CA GLN A 21 -34.09 -16.95 10.08
C GLN A 21 -35.62 -16.74 10.07
N LEU A 22 -36.15 -16.25 8.96
CA LEU A 22 -37.57 -16.04 8.86
C LEU A 22 -38.38 -17.35 8.83
N ALA A 23 -37.94 -18.29 8.01
CA ALA A 23 -38.67 -19.55 7.88
C ALA A 23 -38.68 -20.30 9.21
N LYS A 24 -37.57 -20.22 9.92
CA LYS A 24 -37.43 -20.90 11.20
C LYS A 24 -38.54 -20.47 12.16
N GLN A 25 -39.03 -19.25 11.97
CA GLN A 25 -40.07 -18.72 12.82
C GLN A 25 -41.47 -18.85 12.24
N GLY A 26 -41.62 -19.62 11.18
CA GLY A 26 -42.93 -19.79 10.59
C GLY A 26 -43.41 -18.60 9.77
N VAL A 27 -42.52 -17.68 9.44
CA VAL A 27 -42.90 -16.53 8.61
C VAL A 27 -42.92 -16.97 7.16
N LYS A 28 -44.04 -16.76 6.47
CA LYS A 28 -44.21 -17.18 5.06
C LYS A 28 -43.32 -16.28 4.22
N THR A 29 -42.26 -16.88 3.67
CA THR A 29 -41.24 -16.15 2.93
C THR A 29 -41.01 -16.60 1.51
N LEU A 30 -40.75 -15.61 0.66
CA LEU A 30 -40.43 -15.84 -0.75
C LEU A 30 -39.04 -15.23 -0.96
N LEU A 31 -38.12 -16.00 -1.52
CA LEU A 31 -36.78 -15.44 -1.82
C LEU A 31 -36.68 -15.44 -3.34
N VAL A 32 -36.29 -14.32 -3.90
CA VAL A 32 -36.16 -14.22 -5.36
C VAL A 32 -34.71 -13.93 -5.74
N ASP A 33 -34.15 -14.74 -6.63
CA ASP A 33 -32.76 -14.53 -7.06
C ASP A 33 -32.66 -14.58 -8.58
N ALA A 34 -31.73 -13.77 -9.09
CA ALA A 34 -31.47 -13.64 -10.53
C ALA A 34 -30.85 -14.93 -11.06
N PHE A 35 -30.21 -15.68 -10.17
CA PHE A 35 -29.58 -16.94 -10.56
C PHE A 35 -30.08 -18.08 -9.66
N ASP A 36 -29.23 -19.06 -9.36
CA ASP A 36 -29.66 -20.20 -8.54
C ASP A 36 -28.57 -20.40 -7.48
N PRO A 37 -28.72 -19.72 -6.32
CA PRO A 37 -27.72 -19.78 -5.24
C PRO A 37 -27.55 -21.12 -4.54
N PRO A 38 -26.29 -21.47 -4.21
CA PRO A 38 -25.09 -20.66 -4.46
C PRO A 38 -24.65 -20.71 -5.92
N HIS A 39 -24.10 -19.60 -6.43
CA HIS A 39 -23.67 -19.57 -7.81
C HIS A 39 -22.37 -18.81 -7.96
N THR A 40 -21.89 -18.66 -9.19
CA THR A 40 -20.61 -17.98 -9.39
C THR A 40 -20.68 -16.60 -10.05
N ASN A 41 -21.84 -15.95 -9.97
CA ASN A 41 -21.98 -14.66 -10.57
C ASN A 41 -22.00 -13.50 -9.58
N GLY A 42 -22.09 -13.84 -8.29
CA GLY A 42 -22.17 -12.78 -7.29
C GLY A 42 -20.91 -12.59 -6.48
N SER A 43 -21.07 -12.47 -5.15
CA SER A 43 -19.94 -12.24 -4.27
C SER A 43 -19.64 -13.38 -3.29
N HIS A 44 -20.21 -14.57 -3.49
CA HIS A 44 -20.02 -15.64 -2.53
C HIS A 44 -19.30 -16.91 -2.96
N HIS A 45 -18.74 -16.94 -4.16
CA HIS A 45 -18.11 -18.18 -4.59
C HIS A 45 -16.61 -18.17 -4.38
N GLY A 46 -15.95 -19.20 -4.87
CA GLY A 46 -14.51 -19.27 -4.61
C GLY A 46 -14.27 -20.19 -3.43
N ASP A 47 -15.31 -20.93 -3.04
CA ASP A 47 -15.27 -21.89 -1.94
C ASP A 47 -15.15 -21.41 -0.48
N THR A 48 -14.12 -20.62 -0.23
CA THR A 48 -13.78 -20.20 1.13
C THR A 48 -13.76 -18.72 1.46
N ARG A 49 -14.08 -18.45 2.73
CA ARG A 49 -14.11 -17.12 3.30
C ARG A 49 -13.51 -17.13 4.71
N ILE A 50 -12.72 -16.11 5.00
CA ILE A 50 -12.11 -15.95 6.29
C ILE A 50 -13.13 -15.38 7.28
N ILE A 51 -13.12 -15.88 8.51
CA ILE A 51 -13.89 -15.25 9.56
C ILE A 51 -12.83 -14.92 10.60
N ARG A 52 -12.83 -13.66 11.04
CA ARG A 52 -11.89 -13.14 12.07
C ARG A 52 -12.79 -12.56 13.16
N HIS A 53 -12.32 -12.56 14.41
CA HIS A 53 -13.09 -11.94 15.51
C HIS A 53 -12.43 -10.60 15.86
N ALA A 54 -11.13 -10.59 16.18
CA ALA A 54 -10.39 -9.35 16.48
C ALA A 54 -10.43 -8.70 15.10
N TYR A 55 -11.06 -7.54 15.01
CA TYR A 55 -11.34 -6.91 13.74
C TYR A 55 -10.62 -5.62 13.38
N GLY A 56 -9.69 -5.74 12.42
CA GLY A 56 -8.88 -4.63 11.96
C GLY A 56 -9.66 -3.51 11.31
N GLU A 57 -10.81 -3.84 10.72
CA GLU A 57 -11.64 -2.81 10.08
C GLU A 57 -12.33 -1.99 11.19
N GLY A 58 -12.33 -2.49 12.41
CA GLY A 58 -12.98 -1.75 13.48
C GLY A 58 -13.46 -2.65 14.60
N ARG A 59 -13.04 -2.32 15.83
CA ARG A 59 -13.41 -3.09 17.00
C ARG A 59 -14.92 -3.15 17.21
N GLU A 60 -15.65 -2.19 16.65
CA GLU A 60 -17.12 -2.19 16.82
C GLU A 60 -17.83 -3.38 16.15
N TYR A 61 -17.12 -4.10 15.30
CA TYR A 61 -17.71 -5.27 14.58
C TYR A 61 -17.56 -6.55 15.41
N VAL A 62 -16.79 -6.49 16.47
CA VAL A 62 -16.54 -7.70 17.25
C VAL A 62 -17.77 -8.43 17.75
N PRO A 63 -18.70 -7.72 18.38
CA PRO A 63 -19.89 -8.44 18.85
C PRO A 63 -20.61 -9.21 17.74
N LEU A 64 -20.77 -8.59 16.57
CA LEU A 64 -21.47 -9.27 15.48
C LEU A 64 -20.63 -10.46 14.98
N ALA A 65 -19.31 -10.30 15.00
CA ALA A 65 -18.44 -11.39 14.55
C ALA A 65 -18.57 -12.59 15.51
N LEU A 66 -18.62 -12.31 16.82
CA LEU A 66 -18.75 -13.39 17.80
C LEU A 66 -20.12 -14.05 17.69
N ARG A 67 -21.16 -13.25 17.51
CA ARG A 67 -22.47 -13.84 17.35
C ARG A 67 -22.49 -14.68 16.06
N SER A 68 -21.91 -14.17 14.98
CA SER A 68 -21.92 -14.93 13.71
C SER A 68 -21.18 -16.25 13.86
N GLN A 69 -20.05 -16.21 14.58
CA GLN A 69 -19.30 -17.43 14.85
C GLN A 69 -20.18 -18.46 15.58
N GLU A 70 -20.89 -18.03 16.64
CA GLU A 70 -21.76 -18.98 17.33
C GLU A 70 -22.82 -19.53 16.35
N LEU A 71 -23.39 -18.66 15.49
CA LEU A 71 -24.37 -19.12 14.48
C LEU A 71 -23.75 -20.08 13.45
N TRP A 72 -22.49 -19.89 13.07
CA TRP A 72 -21.87 -20.85 12.15
C TRP A 72 -21.73 -22.21 12.85
N TYR A 73 -21.34 -22.22 14.14
CA TYR A 73 -21.24 -23.50 14.85
C TYR A 73 -22.63 -24.17 14.89
N GLU A 74 -23.68 -23.38 15.00
CA GLU A 74 -25.04 -23.95 15.02
C GLU A 74 -25.35 -24.58 13.66
N LEU A 75 -25.04 -23.84 12.59
CA LEU A 75 -25.32 -24.37 11.26
C LEU A 75 -24.54 -25.66 11.04
N GLU A 76 -23.31 -25.75 11.54
CA GLU A 76 -22.53 -26.97 11.36
C GLU A 76 -23.30 -28.17 11.92
N LYS A 77 -23.96 -27.99 13.05
CA LYS A 77 -24.70 -29.09 13.68
C LYS A 77 -26.01 -29.43 12.99
N GLU A 78 -26.51 -28.50 12.21
CA GLU A 78 -27.79 -28.67 11.56
C GLU A 78 -27.80 -29.26 10.17
N THR A 79 -26.65 -29.28 9.49
CA THR A 79 -26.59 -29.76 8.12
C THR A 79 -25.47 -30.78 7.91
N HIS A 80 -25.54 -31.49 6.80
CA HIS A 80 -24.47 -32.46 6.47
C HIS A 80 -23.38 -31.75 5.68
N HIS A 81 -23.63 -30.51 5.24
CA HIS A 81 -22.62 -29.79 4.47
C HIS A 81 -21.55 -29.26 5.45
N LYS A 82 -20.29 -29.19 5.01
CA LYS A 82 -19.20 -28.68 5.86
C LYS A 82 -19.29 -27.16 5.92
N ILE A 83 -19.26 -26.61 7.13
CA ILE A 83 -19.40 -25.18 7.32
C ILE A 83 -18.12 -24.42 7.71
N PHE A 84 -17.43 -24.91 8.74
CA PHE A 84 -16.30 -24.22 9.31
C PHE A 84 -15.12 -25.08 9.74
N THR A 85 -13.93 -24.63 9.38
CA THR A 85 -12.70 -25.30 9.81
C THR A 85 -11.90 -24.24 10.61
N LYS A 86 -11.48 -24.60 11.80
CA LYS A 86 -10.80 -23.66 12.68
C LYS A 86 -9.30 -23.58 12.42
N THR A 87 -8.96 -22.95 11.30
CA THR A 87 -7.57 -22.81 10.89
C THR A 87 -6.82 -21.76 11.74
N GLY A 88 -7.55 -20.85 12.35
CA GLY A 88 -6.88 -19.76 13.04
C GLY A 88 -6.61 -18.72 11.94
N VAL A 89 -6.41 -17.47 12.31
CA VAL A 89 -6.14 -16.46 11.29
C VAL A 89 -4.98 -15.60 11.74
N LEU A 90 -3.99 -15.49 10.85
CA LEU A 90 -2.78 -14.72 11.14
C LEU A 90 -2.86 -13.36 10.49
N VAL A 91 -2.55 -12.32 11.26
CA VAL A 91 -2.53 -10.95 10.74
C VAL A 91 -1.11 -10.39 11.00
N PHE A 92 -0.48 -9.86 9.96
CA PHE A 92 0.83 -9.27 10.18
C PHE A 92 1.08 -8.06 9.31
N GLY A 93 2.14 -7.34 9.65
CA GLY A 93 2.48 -6.15 8.91
C GLY A 93 3.74 -5.51 9.48
N PRO A 94 4.25 -4.46 8.82
CA PRO A 94 5.45 -3.77 9.28
C PRO A 94 5.11 -3.13 10.63
N LYS A 95 5.95 -3.33 11.63
CA LYS A 95 5.72 -2.76 12.95
C LYS A 95 5.48 -1.25 12.90
N GLY A 96 4.41 -0.80 13.55
CA GLY A 96 4.08 0.61 13.61
C GLY A 96 3.69 1.23 12.29
N GLU A 97 3.43 0.39 11.29
CA GLU A 97 3.06 0.94 10.00
C GLU A 97 1.81 0.33 9.38
N SER A 98 0.96 -0.27 10.21
CA SER A 98 -0.28 -0.85 9.73
C SER A 98 -1.45 -0.51 10.64
N ALA A 99 -2.34 0.35 10.19
CA ALA A 99 -3.50 0.69 11.00
C ALA A 99 -4.33 -0.59 11.18
N PHE A 100 -4.36 -1.43 10.15
CA PHE A 100 -5.11 -2.68 10.22
C PHE A 100 -4.56 -3.60 11.33
N VAL A 101 -3.26 -3.83 11.34
CA VAL A 101 -2.67 -4.66 12.39
C VAL A 101 -2.95 -4.00 13.79
N ALA A 102 -2.75 -2.69 13.88
CA ALA A 102 -2.94 -1.98 15.14
C ALA A 102 -4.37 -2.09 15.64
N GLU A 103 -5.36 -1.89 14.76
CA GLU A 103 -6.76 -2.01 15.24
C GLU A 103 -7.11 -3.47 15.58
N THR A 104 -6.49 -4.41 14.88
CA THR A 104 -6.77 -5.81 15.16
C THR A 104 -6.30 -6.06 16.60
N MET A 105 -5.11 -5.56 16.92
CA MET A 105 -4.58 -5.73 18.28
C MET A 105 -5.43 -5.03 19.34
N GLU A 106 -5.89 -3.82 19.04
CA GLU A 106 -6.71 -3.07 19.98
C GLU A 106 -8.04 -3.75 20.18
N ALA A 107 -8.58 -4.27 19.09
CA ALA A 107 -9.86 -4.96 19.19
C ALA A 107 -9.75 -6.20 20.08
N ALA A 108 -8.65 -6.94 19.94
CA ALA A 108 -8.49 -8.14 20.77
C ALA A 108 -8.38 -7.77 22.25
N LYS A 109 -7.63 -6.72 22.57
CA LYS A 109 -7.50 -6.32 23.97
C LYS A 109 -8.83 -5.86 24.54
N GLU A 110 -9.52 -5.01 23.77
CA GLU A 110 -10.78 -4.47 24.19
C GLU A 110 -11.87 -5.49 24.45
N HIS A 111 -11.86 -6.60 23.71
CA HIS A 111 -12.87 -7.61 23.89
C HIS A 111 -12.32 -8.87 24.52
N SER A 112 -11.13 -8.77 25.09
CA SER A 112 -10.47 -9.88 25.74
C SER A 112 -10.49 -11.14 24.90
N LEU A 113 -10.11 -10.97 23.63
CA LEU A 113 -10.05 -12.11 22.72
C LEU A 113 -8.73 -12.86 22.92
N THR A 114 -8.76 -14.17 22.68
CA THR A 114 -7.57 -15.00 22.82
C THR A 114 -6.69 -14.88 21.59
N VAL A 115 -5.50 -14.33 21.76
CA VAL A 115 -4.57 -14.14 20.66
C VAL A 115 -3.11 -14.28 21.09
N ASP A 116 -2.23 -14.58 20.15
CA ASP A 116 -0.78 -14.68 20.38
C ASP A 116 -0.15 -13.51 19.65
N LEU A 117 0.81 -12.85 20.29
CA LEU A 117 1.50 -11.75 19.63
C LEU A 117 2.90 -12.28 19.35
N LEU A 118 3.42 -12.00 18.16
CA LEU A 118 4.76 -12.42 17.85
C LEU A 118 5.34 -11.51 16.81
N GLU A 119 6.65 -11.57 16.66
CA GLU A 119 7.27 -10.71 15.68
C GLU A 119 8.52 -11.25 15.06
N GLY A 120 8.83 -10.68 13.88
CA GLY A 120 10.02 -11.05 13.16
C GLY A 120 10.21 -12.54 12.92
N ASP A 121 11.39 -13.01 13.27
CA ASP A 121 11.74 -14.40 13.07
C ASP A 121 10.79 -15.39 13.76
N GLU A 122 10.14 -14.97 14.85
CA GLU A 122 9.21 -15.87 15.54
C GLU A 122 8.08 -16.29 14.61
N ILE A 123 7.68 -15.40 13.70
CA ILE A 123 6.62 -15.73 12.74
C ILE A 123 7.12 -16.82 11.81
N ASN A 124 8.28 -16.61 11.23
CA ASN A 124 8.89 -17.56 10.29
C ASN A 124 9.18 -18.92 10.97
N LYS A 125 9.55 -18.88 12.24
CA LYS A 125 9.82 -20.11 12.99
C LYS A 125 8.55 -20.89 13.25
N ARG A 126 7.52 -20.20 13.71
CA ARG A 126 6.27 -20.88 14.04
C ARG A 126 5.57 -21.49 12.81
N TRP A 127 5.60 -20.77 11.68
CA TRP A 127 4.97 -21.27 10.48
C TRP A 127 5.93 -21.40 9.32
N PRO A 128 6.62 -22.54 9.22
CA PRO A 128 7.55 -22.76 8.12
C PRO A 128 6.79 -22.45 6.84
N GLY A 129 7.41 -21.71 5.93
CA GLY A 129 6.71 -21.37 4.71
C GLY A 129 6.43 -19.87 4.66
N ILE A 130 6.45 -19.21 5.81
CA ILE A 130 6.22 -17.76 5.82
C ILE A 130 7.58 -17.11 6.01
N THR A 131 7.85 -16.10 5.20
CA THR A 131 9.13 -15.40 5.31
C THR A 131 8.87 -13.91 5.31
N VAL A 132 8.86 -13.32 6.49
CA VAL A 132 8.65 -11.87 6.60
C VAL A 132 9.92 -11.20 7.11
N PRO A 133 10.05 -9.88 6.88
CA PRO A 133 11.23 -9.15 7.36
C PRO A 133 11.19 -9.12 8.91
N GLU A 134 12.34 -8.89 9.53
CA GLU A 134 12.41 -8.87 10.99
C GLU A 134 11.66 -7.73 11.64
N ASN A 135 11.34 -6.69 10.88
CA ASN A 135 10.63 -5.56 11.45
C ASN A 135 9.11 -5.75 11.39
N TYR A 136 8.66 -6.95 11.03
CA TYR A 136 7.22 -7.21 11.00
C TYR A 136 6.72 -7.76 12.35
N ASN A 137 5.47 -7.48 12.69
CA ASN A 137 4.91 -8.03 13.90
C ASN A 137 3.62 -8.69 13.51
N ALA A 138 3.01 -9.40 14.45
CA ALA A 138 1.82 -10.11 14.11
C ALA A 138 0.92 -10.41 15.28
N ILE A 139 -0.33 -10.69 14.96
CA ILE A 139 -1.28 -11.11 15.98
C ILE A 139 -1.95 -12.32 15.36
N PHE A 140 -1.92 -13.44 16.08
CA PHE A 140 -2.54 -14.67 15.58
C PHE A 140 -3.76 -14.98 16.44
N GLU A 141 -4.88 -15.28 15.79
CA GLU A 141 -6.14 -15.60 16.46
C GLU A 141 -6.42 -17.09 16.24
N PRO A 142 -6.13 -17.93 17.25
CA PRO A 142 -6.36 -19.37 17.07
C PRO A 142 -7.78 -19.89 16.90
N ASN A 143 -8.76 -19.14 17.36
CA ASN A 143 -10.11 -19.69 17.30
C ASN A 143 -11.01 -19.20 16.21
N SER A 144 -10.46 -18.40 15.30
CA SER A 144 -11.25 -17.97 14.17
C SER A 144 -10.83 -18.88 13.00
N GLY A 145 -11.27 -18.62 11.78
CA GLY A 145 -10.86 -19.56 10.75
C GLY A 145 -11.50 -19.40 9.40
N VAL A 146 -11.93 -20.52 8.83
CA VAL A 146 -12.47 -20.53 7.47
C VAL A 146 -13.85 -21.10 7.30
N LEU A 147 -14.69 -20.37 6.57
CA LEU A 147 -16.06 -20.80 6.29
C LEU A 147 -16.12 -21.27 4.84
N PHE A 148 -16.94 -22.26 4.58
CA PHE A 148 -17.13 -22.76 3.23
C PHE A 148 -18.43 -22.11 2.79
N SER A 149 -18.25 -20.94 2.18
CA SER A 149 -19.36 -20.07 1.81
C SER A 149 -20.47 -20.61 0.92
N GLU A 150 -20.14 -21.36 -0.12
CA GLU A 150 -21.18 -21.90 -0.97
C GLU A 150 -21.97 -22.94 -0.14
N ASN A 151 -21.26 -23.67 0.70
CA ASN A 151 -21.90 -24.66 1.59
C ASN A 151 -22.86 -23.96 2.56
N CYS A 152 -22.45 -22.79 3.07
CA CYS A 152 -23.29 -22.05 3.99
C CYS A 152 -24.61 -21.67 3.34
N ILE A 153 -24.51 -21.11 2.15
CA ILE A 153 -25.72 -20.66 1.46
C ILE A 153 -26.61 -21.85 1.10
N ARG A 154 -26.01 -22.93 0.60
CA ARG A 154 -26.74 -24.14 0.24
C ARG A 154 -27.43 -24.70 1.50
N ALA A 155 -26.73 -24.75 2.63
CA ALA A 155 -27.34 -25.28 3.86
C ALA A 155 -28.50 -24.37 4.30
N TYR A 156 -28.26 -23.06 4.34
CA TYR A 156 -29.36 -22.18 4.74
C TYR A 156 -30.53 -22.33 3.78
N ARG A 157 -30.25 -22.53 2.50
CA ARG A 157 -31.37 -22.68 1.56
C ARG A 157 -32.15 -23.97 1.82
N GLU A 158 -31.44 -25.08 1.97
CA GLU A 158 -32.12 -26.34 2.23
C GLU A 158 -32.95 -26.30 3.51
N LEU A 159 -32.38 -25.71 4.57
CA LEU A 159 -33.09 -25.65 5.84
C LEU A 159 -34.29 -24.72 5.75
N ALA A 160 -34.16 -23.59 5.06
CA ALA A 160 -35.28 -22.67 4.91
C ALA A 160 -36.40 -23.31 4.08
N GLU A 161 -36.05 -23.91 2.94
CA GLU A 161 -37.05 -24.55 2.09
C GLU A 161 -37.77 -25.66 2.84
N ALA A 162 -37.02 -26.43 3.64
CA ALA A 162 -37.65 -27.51 4.41
C ALA A 162 -38.71 -26.94 5.33
N ARG A 163 -38.49 -25.71 5.81
CA ARG A 163 -39.48 -25.08 6.66
C ARG A 163 -40.54 -24.24 5.94
N GLY A 164 -40.62 -24.40 4.61
CA GLY A 164 -41.66 -23.68 3.87
C GLY A 164 -41.30 -22.46 3.04
N ALA A 165 -40.05 -21.99 3.16
CA ALA A 165 -39.67 -20.83 2.37
C ALA A 165 -39.69 -21.24 0.88
N LYS A 166 -40.04 -20.31 0.02
CA LYS A 166 -40.09 -20.57 -1.40
C LYS A 166 -38.96 -19.77 -2.03
N VAL A 167 -38.23 -20.41 -2.94
CA VAL A 167 -37.13 -19.76 -3.60
C VAL A 167 -37.39 -19.75 -5.12
N LEU A 168 -37.58 -18.56 -5.67
CA LEU A 168 -37.86 -18.41 -7.10
C LEU A 168 -36.52 -18.01 -7.74
N THR A 169 -35.97 -18.93 -8.54
CA THR A 169 -34.68 -18.76 -9.19
C THR A 169 -34.71 -18.21 -10.61
N HIS A 170 -33.54 -17.76 -11.07
CA HIS A 170 -33.37 -17.24 -12.43
C HIS A 170 -34.40 -16.18 -12.74
N THR A 171 -34.73 -15.40 -11.72
CA THR A 171 -35.73 -14.37 -11.86
C THR A 171 -35.17 -13.05 -11.35
N ARG A 172 -34.94 -12.14 -12.28
CA ARG A 172 -34.40 -10.84 -11.94
C ARG A 172 -35.52 -9.88 -11.55
N VAL A 173 -35.42 -9.30 -10.37
CA VAL A 173 -36.43 -8.32 -9.99
C VAL A 173 -36.04 -7.06 -10.74
N GLU A 174 -37.01 -6.44 -11.40
CA GLU A 174 -36.73 -5.24 -12.19
C GLU A 174 -37.27 -3.92 -11.65
N ASP A 175 -38.24 -3.99 -10.73
CA ASP A 175 -38.77 -2.76 -10.16
C ASP A 175 -39.53 -3.10 -8.90
N PHE A 176 -39.85 -2.07 -8.13
CA PHE A 176 -40.53 -2.19 -6.84
C PHE A 176 -41.70 -1.21 -6.73
N ASP A 177 -42.73 -1.60 -5.99
CA ASP A 177 -43.85 -0.71 -5.78
C ASP A 177 -44.09 -0.77 -4.28
N ILE A 178 -43.68 0.27 -3.57
CA ILE A 178 -43.84 0.30 -2.13
C ILE A 178 -44.96 1.21 -1.66
N SER A 179 -45.82 0.72 -0.80
CA SER A 179 -46.88 1.55 -0.26
C SER A 179 -46.76 1.46 1.25
N PRO A 180 -47.54 2.25 1.99
CA PRO A 180 -47.46 2.20 3.45
C PRO A 180 -47.73 0.87 4.14
N ASP A 181 -48.57 0.01 3.56
CA ASP A 181 -48.84 -1.26 4.22
C ASP A 181 -48.55 -2.52 3.38
N SER A 182 -47.78 -2.35 2.31
CA SER A 182 -47.40 -3.50 1.49
C SER A 182 -46.29 -3.19 0.53
N VAL A 183 -45.66 -4.25 0.04
CA VAL A 183 -44.58 -4.09 -0.90
C VAL A 183 -44.87 -4.99 -2.09
N LYS A 184 -44.35 -4.62 -3.25
CA LYS A 184 -44.58 -5.42 -4.43
C LYS A 184 -43.32 -5.41 -5.31
N ILE A 185 -42.96 -6.55 -5.89
CA ILE A 185 -41.80 -6.61 -6.79
C ILE A 185 -42.31 -7.00 -8.17
N GLU A 186 -41.61 -6.53 -9.22
CA GLU A 186 -41.95 -6.82 -10.61
C GLU A 186 -40.78 -7.60 -11.25
N THR A 187 -41.12 -8.71 -11.91
CA THR A 187 -40.14 -9.57 -12.58
C THR A 187 -40.79 -10.08 -13.88
N ALA A 188 -39.96 -10.57 -14.80
CA ALA A 188 -40.43 -11.10 -16.09
C ALA A 188 -41.34 -12.32 -15.91
N ASN A 189 -41.15 -13.01 -14.80
CA ASN A 189 -41.93 -14.20 -14.49
C ASN A 189 -43.18 -13.92 -13.62
N GLY A 190 -43.47 -12.65 -13.35
CA GLY A 190 -44.65 -12.33 -12.55
C GLY A 190 -44.38 -11.33 -11.43
N SER A 191 -45.43 -10.80 -10.80
N SER A 191 -45.44 -10.82 -10.79
CA SER A 191 -45.27 -9.86 -9.69
CA SER A 191 -45.32 -9.88 -9.68
C SER A 191 -45.78 -10.51 -8.38
C SER A 191 -45.79 -10.52 -8.37
N TYR A 192 -45.19 -10.11 -7.25
CA TYR A 192 -45.48 -10.67 -5.93
C TYR A 192 -45.64 -9.60 -4.87
N THR A 193 -46.48 -9.83 -3.88
CA THR A 193 -46.69 -8.86 -2.82
C THR A 193 -46.42 -9.50 -1.46
N ALA A 194 -46.14 -8.67 -0.47
CA ALA A 194 -45.87 -9.10 0.90
C ALA A 194 -46.07 -7.87 1.80
N ASP A 195 -45.90 -8.08 3.09
CA ASP A 195 -46.03 -7.00 4.07
C ASP A 195 -44.67 -6.29 4.23
N LYS A 196 -43.59 -7.06 4.05
CA LYS A 196 -42.22 -6.56 4.24
C LYS A 196 -41.30 -6.99 3.11
N LEU A 197 -40.28 -6.19 2.86
CA LEU A 197 -39.31 -6.46 1.81
C LEU A 197 -37.90 -6.33 2.35
N ILE A 198 -37.05 -7.31 2.01
CA ILE A 198 -35.66 -7.23 2.36
C ILE A 198 -34.94 -7.14 1.01
N VAL A 199 -34.07 -6.14 0.87
CA VAL A 199 -33.35 -5.95 -0.38
C VAL A 199 -31.86 -6.25 -0.11
N SER A 200 -31.35 -7.28 -0.76
CA SER A 200 -29.99 -7.72 -0.58
C SER A 200 -29.43 -8.24 -1.90
N MET A 201 -29.26 -7.33 -2.85
CA MET A 201 -28.83 -7.71 -4.18
C MET A 201 -27.34 -7.66 -4.45
N GLY A 202 -26.52 -7.58 -3.40
CA GLY A 202 -25.10 -7.56 -3.63
C GLY A 202 -24.63 -6.45 -4.57
N ALA A 203 -23.78 -6.81 -5.53
CA ALA A 203 -23.24 -5.82 -6.49
C ALA A 203 -24.33 -5.09 -7.26
N TRP A 204 -25.51 -5.71 -7.41
CA TRP A 204 -26.59 -5.07 -8.12
C TRP A 204 -27.33 -4.01 -7.32
N ASN A 205 -27.01 -3.88 -6.04
CA ASN A 205 -27.63 -2.81 -5.23
C ASN A 205 -27.18 -1.46 -5.84
N SER A 206 -25.96 -1.43 -6.37
CA SER A 206 -25.38 -0.22 -6.95
C SER A 206 -26.11 0.27 -8.19
N LYS A 207 -26.95 -0.60 -8.78
CA LYS A 207 -27.73 -0.25 -9.97
C LYS A 207 -29.22 -0.20 -9.71
N LEU A 208 -29.73 -0.98 -8.75
CA LEU A 208 -31.17 -0.98 -8.53
C LEU A 208 -31.79 -0.29 -7.31
N LEU A 209 -30.98 0.28 -6.42
CA LEU A 209 -31.56 0.98 -5.26
C LEU A 209 -32.21 2.28 -5.73
N SER A 210 -31.80 2.76 -6.89
CA SER A 210 -32.42 3.99 -7.40
C SER A 210 -33.93 3.70 -7.69
N LYS A 211 -34.29 2.43 -7.86
CA LYS A 211 -35.69 2.06 -8.06
C LYS A 211 -36.47 2.21 -6.77
N LEU A 212 -35.75 2.46 -5.67
CA LEU A 212 -36.36 2.64 -4.37
C LEU A 212 -36.10 4.08 -3.94
N ASN A 213 -35.80 4.92 -4.93
CA ASN A 213 -35.55 6.34 -4.69
C ASN A 213 -34.31 6.61 -3.82
N LEU A 214 -33.34 5.71 -3.87
CA LEU A 214 -32.13 5.90 -3.08
C LEU A 214 -30.95 6.22 -3.97
N ASP A 215 -30.10 7.12 -3.51
CA ASP A 215 -28.91 7.53 -4.23
C ASP A 215 -27.72 7.44 -3.27
N ILE A 216 -27.08 6.26 -3.22
CA ILE A 216 -25.95 6.04 -2.32
C ILE A 216 -24.76 5.53 -3.09
N PRO A 217 -23.60 6.16 -2.93
CA PRO A 217 -22.43 5.70 -3.66
C PRO A 217 -22.10 4.26 -3.31
N LEU A 218 -22.21 3.36 -4.29
CA LEU A 218 -21.87 1.96 -4.11
C LEU A 218 -21.07 1.59 -5.36
N GLN A 219 -19.79 1.29 -5.21
CA GLN A 219 -18.97 0.96 -6.36
C GLN A 219 -18.57 -0.51 -6.37
N PRO A 220 -18.97 -1.23 -7.41
CA PRO A 220 -18.62 -2.65 -7.52
C PRO A 220 -17.18 -2.73 -8.07
N TYR A 221 -16.43 -3.72 -7.58
CA TYR A 221 -15.05 -3.97 -8.00
C TYR A 221 -14.83 -5.43 -8.37
N ARG A 222 -14.03 -5.66 -9.42
CA ARG A 222 -13.68 -7.00 -9.85
C ARG A 222 -12.50 -7.43 -8.99
N GLN A 223 -12.68 -8.52 -8.26
CA GLN A 223 -11.67 -9.05 -7.36
C GLN A 223 -11.37 -10.52 -7.61
N VAL A 224 -10.13 -10.81 -8.02
CA VAL A 224 -9.76 -12.19 -8.30
C VAL A 224 -9.01 -12.87 -7.18
N VAL A 225 -9.00 -14.19 -7.25
CA VAL A 225 -8.27 -15.04 -6.28
C VAL A 225 -7.66 -16.19 -7.12
N GLY A 226 -6.51 -16.71 -6.66
CA GLY A 226 -5.89 -17.82 -7.36
C GLY A 226 -5.49 -18.90 -6.38
N PHE A 227 -5.53 -20.16 -6.82
CA PHE A 227 -5.16 -21.32 -6.03
C PHE A 227 -3.84 -21.75 -6.65
N PHE A 228 -2.80 -21.93 -5.83
CA PHE A 228 -1.48 -22.29 -6.33
C PHE A 228 -0.93 -23.60 -5.77
N GLU A 229 -0.24 -24.35 -6.62
CA GLU A 229 0.37 -25.60 -6.19
C GLU A 229 1.40 -25.19 -5.14
N SER A 230 1.39 -25.85 -4.00
CA SER A 230 2.27 -25.48 -2.90
C SER A 230 2.93 -26.65 -2.23
N ASP A 231 3.90 -26.32 -1.39
CA ASP A 231 4.59 -27.36 -0.61
C ASP A 231 3.59 -27.75 0.50
N GLU A 232 2.97 -28.92 0.35
CA GLU A 232 1.96 -29.35 1.32
C GLU A 232 2.48 -29.59 2.73
N SER A 233 3.80 -29.82 2.86
CA SER A 233 4.38 -30.06 4.17
C SER A 233 4.45 -28.76 4.97
N LYS A 234 4.15 -27.64 4.29
CA LYS A 234 4.17 -26.34 4.93
C LYS A 234 2.84 -25.57 4.89
N TYR A 235 2.12 -25.67 3.79
CA TYR A 235 0.92 -24.85 3.61
C TYR A 235 -0.42 -25.52 3.73
N SER A 236 -0.40 -26.79 4.12
CA SER A 236 -1.64 -27.54 4.31
C SER A 236 -2.33 -27.17 5.62
N ASN A 237 -3.65 -27.18 5.60
CA ASN A 237 -4.44 -26.94 6.78
C ASN A 237 -4.05 -28.07 7.78
N ASP A 238 -3.68 -29.23 7.24
CA ASP A 238 -3.33 -30.40 8.05
C ASP A 238 -2.10 -30.19 8.91
N ILE A 239 -1.21 -29.27 8.51
CA ILE A 239 -0.02 -28.98 9.32
C ILE A 239 -0.19 -27.60 9.97
N ASP A 240 -1.45 -27.21 10.11
CA ASP A 240 -1.84 -25.95 10.76
C ASP A 240 -1.38 -24.62 10.17
N PHE A 241 -1.25 -24.56 8.85
CA PHE A 241 -0.93 -23.31 8.21
C PHE A 241 -2.26 -22.54 8.39
N PRO A 242 -2.19 -21.28 8.81
CA PRO A 242 -3.41 -20.52 9.04
C PRO A 242 -4.01 -19.77 7.86
N GLY A 243 -5.23 -19.26 8.08
CA GLY A 243 -5.86 -18.39 7.09
C GLY A 243 -5.09 -17.09 7.42
N PHE A 244 -5.13 -16.08 6.57
CA PHE A 244 -4.38 -14.86 6.91
C PHE A 244 -4.91 -13.64 6.19
N MET A 245 -4.68 -12.47 6.78
CA MET A 245 -5.06 -11.21 6.16
C MET A 245 -3.91 -10.35 6.65
N VAL A 246 -3.15 -9.78 5.72
CA VAL A 246 -1.97 -9.06 6.14
C VAL A 246 -1.76 -7.77 5.35
N GLU A 247 -0.94 -6.89 5.92
CA GLU A 247 -0.65 -5.65 5.25
C GLU A 247 0.83 -5.53 4.92
N VAL A 248 1.13 -5.26 3.65
CA VAL A 248 2.49 -5.08 3.19
C VAL A 248 2.53 -3.67 2.55
N PRO A 249 3.70 -3.22 2.12
CA PRO A 249 3.81 -1.89 1.52
C PRO A 249 2.78 -1.50 0.45
N ASN A 250 2.50 -2.41 -0.49
CA ASN A 250 1.55 -2.12 -1.55
C ASN A 250 0.09 -2.44 -1.20
N GLY A 251 -0.18 -2.79 0.05
CA GLY A 251 -1.56 -3.08 0.38
C GLY A 251 -1.86 -4.33 1.21
N ILE A 252 -3.13 -4.71 1.20
CA ILE A 252 -3.58 -5.84 1.98
C ILE A 252 -3.85 -7.08 1.14
N TYR A 253 -3.36 -8.22 1.65
CA TYR A 253 -3.59 -9.49 0.99
C TYR A 253 -4.25 -10.43 2.00
N TYR A 254 -4.93 -11.45 1.49
CA TYR A 254 -5.57 -12.43 2.35
C TYR A 254 -5.48 -13.80 1.68
N GLY A 255 -5.52 -14.85 2.48
CA GLY A 255 -5.34 -16.17 1.91
C GLY A 255 -5.75 -17.30 2.83
N PHE A 256 -5.67 -18.49 2.25
CA PHE A 256 -6.13 -19.71 2.91
C PHE A 256 -5.14 -20.86 2.77
N PRO A 257 -5.04 -21.71 3.80
CA PRO A 257 -4.11 -22.82 3.64
C PRO A 257 -4.73 -23.75 2.57
N SER A 258 -3.92 -24.69 2.08
CA SER A 258 -4.39 -25.70 1.14
C SER A 258 -5.25 -26.71 1.89
N PHE A 259 -6.44 -26.98 1.37
CA PHE A 259 -7.34 -27.95 2.00
C PHE A 259 -7.38 -29.16 1.05
N GLY A 260 -7.03 -30.35 1.55
CA GLY A 260 -7.06 -31.54 0.70
C GLY A 260 -6.25 -31.37 -0.59
N GLY A 261 -5.12 -30.68 -0.50
CA GLY A 261 -4.28 -30.46 -1.69
C GLY A 261 -4.83 -29.52 -2.75
N CYS A 262 -5.82 -28.68 -2.43
CA CYS A 262 -6.36 -27.77 -3.43
C CYS A 262 -5.38 -26.63 -3.75
N GLY A 263 -4.37 -26.46 -2.90
CA GLY A 263 -3.41 -25.39 -3.08
C GLY A 263 -3.72 -24.16 -2.23
N LEU A 264 -2.68 -23.39 -1.89
CA LEU A 264 -2.86 -22.18 -1.10
C LEU A 264 -3.65 -21.19 -1.96
N LYS A 265 -4.64 -20.51 -1.38
CA LYS A 265 -5.45 -19.57 -2.12
C LYS A 265 -5.09 -18.16 -1.63
N LEU A 266 -4.95 -17.22 -2.57
CA LEU A 266 -4.56 -15.85 -2.27
C LEU A 266 -5.37 -14.82 -3.04
N GLY A 267 -5.61 -13.68 -2.38
CA GLY A 267 -6.32 -12.58 -3.03
C GLY A 267 -5.62 -11.29 -2.64
N TYR A 268 -5.71 -10.28 -3.50
CA TYR A 268 -5.13 -8.97 -3.23
C TYR A 268 -6.37 -8.13 -3.01
N HIS A 269 -6.50 -7.62 -1.81
CA HIS A 269 -7.68 -6.88 -1.37
C HIS A 269 -7.78 -5.41 -1.74
N THR A 270 -6.65 -4.72 -1.64
CA THR A 270 -6.50 -3.28 -1.91
C THR A 270 -6.88 -2.82 -3.33
N PHE A 271 -6.59 -3.65 -4.31
CA PHE A 271 -6.86 -3.27 -5.70
C PHE A 271 -7.87 -4.17 -6.39
N GLY A 272 -8.65 -3.58 -7.30
CA GLY A 272 -9.62 -4.31 -8.09
C GLY A 272 -10.06 -3.37 -9.21
N GLN A 273 -10.58 -3.90 -10.30
CA GLN A 273 -11.03 -3.03 -11.39
C GLN A 273 -12.44 -2.54 -11.11
N LYS A 274 -12.71 -1.25 -11.37
CA LYS A 274 -14.07 -0.76 -11.19
C LYS A 274 -14.85 -1.37 -12.33
N ILE A 275 -15.99 -2.00 -12.04
CA ILE A 275 -16.78 -2.65 -13.08
C ILE A 275 -18.27 -2.49 -12.85
N ASP A 276 -19.07 -3.00 -13.79
CA ASP A 276 -20.53 -3.01 -13.70
C ASP A 276 -20.84 -4.52 -13.57
N PRO A 277 -21.72 -4.91 -12.63
CA PRO A 277 -22.04 -6.33 -12.46
C PRO A 277 -22.63 -7.04 -13.65
N ASP A 278 -23.14 -6.29 -14.62
CA ASP A 278 -23.68 -6.97 -15.79
C ASP A 278 -22.67 -7.06 -16.93
N THR A 279 -21.56 -6.32 -16.85
CA THR A 279 -20.55 -6.38 -17.91
C THR A 279 -19.17 -6.83 -17.45
N ILE A 280 -19.03 -7.19 -16.17
CA ILE A 280 -17.74 -7.64 -15.66
C ILE A 280 -17.25 -8.88 -16.43
N ASN A 281 -15.94 -8.96 -16.68
CA ASN A 281 -15.37 -10.12 -17.34
C ASN A 281 -15.04 -11.08 -16.20
N ARG A 282 -15.73 -12.21 -16.18
CA ARG A 282 -15.57 -13.19 -15.11
C ARG A 282 -14.50 -14.25 -15.35
N GLU A 283 -13.64 -14.02 -16.33
CA GLU A 283 -12.58 -14.95 -16.63
C GLU A 283 -11.28 -14.53 -15.94
N PHE A 284 -10.69 -15.43 -15.17
CA PHE A 284 -9.44 -15.12 -14.50
C PHE A 284 -8.30 -15.12 -15.48
N GLY A 285 -7.42 -14.12 -15.40
CA GLY A 285 -6.27 -14.09 -16.28
C GLY A 285 -6.36 -13.16 -17.49
N VAL A 286 -7.53 -12.57 -17.72
CA VAL A 286 -7.67 -11.69 -18.85
C VAL A 286 -6.94 -10.37 -18.64
N TYR A 287 -6.57 -10.08 -17.39
CA TYR A 287 -5.77 -8.89 -17.11
C TYR A 287 -4.46 -9.46 -16.55
N PRO A 288 -3.31 -8.93 -16.99
CA PRO A 288 -2.04 -9.46 -16.46
C PRO A 288 -1.90 -9.31 -14.93
N GLU A 289 -2.48 -8.25 -14.36
CA GLU A 289 -2.41 -8.04 -12.90
C GLU A 289 -3.08 -9.17 -12.11
N ASP A 290 -4.06 -9.85 -12.71
CA ASP A 290 -4.77 -10.93 -12.03
C ASP A 290 -3.79 -11.89 -11.37
N GLU A 291 -2.87 -12.42 -12.19
CA GLU A 291 -1.93 -13.37 -11.65
C GLU A 291 -0.64 -12.73 -11.13
N SER A 292 -0.16 -11.66 -11.77
CA SER A 292 1.11 -11.09 -11.29
C SER A 292 1.06 -10.41 -9.90
N ASN A 293 -0.05 -9.77 -9.54
CA ASN A 293 -0.16 -9.17 -8.20
C ASN A 293 -0.10 -10.27 -7.15
N LEU A 294 -0.61 -11.47 -7.48
CA LEU A 294 -0.57 -12.57 -6.50
C LEU A 294 0.85 -13.14 -6.34
N ARG A 295 1.50 -13.45 -7.46
CA ARG A 295 2.85 -14.02 -7.39
C ARG A 295 3.85 -13.03 -6.76
N ALA A 296 3.64 -11.74 -6.97
CA ALA A 296 4.53 -10.73 -6.39
C ALA A 296 4.56 -10.89 -4.86
N PHE A 297 3.39 -11.17 -4.26
CA PHE A 297 3.31 -11.36 -2.81
C PHE A 297 3.91 -12.71 -2.43
N LEU A 298 3.48 -13.77 -3.12
CA LEU A 298 3.96 -15.12 -2.82
C LEU A 298 5.48 -15.30 -2.88
N GLU A 299 6.11 -14.81 -3.92
CA GLU A 299 7.56 -15.00 -4.05
C GLU A 299 8.31 -14.28 -2.94
N GLU A 300 7.69 -13.25 -2.38
CA GLU A 300 8.33 -12.52 -1.31
C GLU A 300 8.04 -13.04 0.10
N TYR A 301 6.78 -13.41 0.36
CA TYR A 301 6.35 -13.84 1.72
C TYR A 301 5.96 -15.30 1.98
N MET A 302 5.65 -16.06 0.92
CA MET A 302 5.24 -17.45 1.05
C MET A 302 5.78 -18.11 -0.20
N PRO A 303 7.12 -18.11 -0.31
CA PRO A 303 7.82 -18.65 -1.47
C PRO A 303 7.55 -20.09 -1.87
N GLY A 304 7.17 -20.93 -0.91
CA GLY A 304 6.90 -22.34 -1.22
C GLY A 304 5.50 -22.59 -1.75
N ALA A 305 4.71 -21.51 -1.83
CA ALA A 305 3.33 -21.60 -2.32
C ALA A 305 3.16 -20.82 -3.64
N ASN A 306 4.24 -20.76 -4.43
CA ASN A 306 4.21 -20.00 -5.68
C ASN A 306 4.38 -20.95 -6.87
N GLY A 307 3.70 -22.09 -6.82
CA GLY A 307 3.80 -23.03 -7.91
C GLY A 307 2.83 -22.73 -9.04
N GLU A 308 2.51 -23.77 -9.79
CA GLU A 308 1.61 -23.65 -10.90
C GLU A 308 0.22 -23.19 -10.44
N LEU A 309 -0.43 -22.35 -11.25
CA LEU A 309 -1.78 -21.86 -10.94
C LEU A 309 -2.73 -23.00 -11.24
N LYS A 310 -3.45 -23.44 -10.21
CA LYS A 310 -4.38 -24.56 -10.33
C LYS A 310 -5.79 -24.12 -10.67
N ARG A 311 -6.18 -22.95 -10.18
CA ARG A 311 -7.53 -22.48 -10.40
C ARG A 311 -7.61 -20.98 -10.15
N GLY A 312 -8.52 -20.32 -10.86
CA GLY A 312 -8.74 -18.90 -10.64
C GLY A 312 -10.25 -18.66 -10.51
N ALA A 313 -10.65 -17.57 -9.84
CA ALA A 313 -12.06 -17.22 -9.71
C ALA A 313 -12.16 -15.68 -9.72
N VAL A 314 -13.26 -15.16 -10.23
CA VAL A 314 -13.46 -13.71 -10.32
C VAL A 314 -14.73 -13.42 -9.56
N CYS A 315 -14.65 -12.49 -8.63
CA CYS A 315 -15.80 -12.24 -7.79
C CYS A 315 -15.92 -10.72 -7.54
N MET A 316 -17.00 -10.26 -6.90
CA MET A 316 -17.12 -8.81 -6.75
C MET A 316 -17.28 -8.28 -5.31
N TYR A 317 -16.72 -7.10 -5.07
CA TYR A 317 -16.91 -6.38 -3.81
C TYR A 317 -17.86 -5.23 -4.22
N THR A 318 -18.57 -4.68 -3.25
CA THR A 318 -19.42 -3.52 -3.48
C THR A 318 -19.03 -2.59 -2.32
N LYS A 319 -18.25 -1.55 -2.61
CA LYS A 319 -17.79 -0.65 -1.56
C LYS A 319 -18.62 0.59 -1.31
N THR A 320 -18.76 0.93 -0.04
CA THR A 320 -19.37 2.18 0.38
C THR A 320 -18.15 3.12 0.53
N LEU A 321 -18.39 4.43 0.66
CA LEU A 321 -17.27 5.37 0.78
C LEU A 321 -16.41 5.16 2.03
N ASP A 322 -17.01 4.71 3.12
CA ASP A 322 -16.27 4.49 4.37
C ASP A 322 -15.96 3.01 4.59
N GLU A 323 -16.37 2.20 3.62
CA GLU A 323 -16.13 0.76 3.63
C GLU A 323 -16.83 0.02 4.78
N HIS A 324 -17.85 0.66 5.37
CA HIS A 324 -18.64 0.01 6.41
C HIS A 324 -19.96 -0.38 5.75
N PHE A 325 -20.64 -1.35 6.31
CA PHE A 325 -21.88 -1.85 5.72
C PHE A 325 -23.07 -0.90 5.84
N ILE A 326 -24.12 -1.25 5.10
CA ILE A 326 -25.37 -0.53 5.19
C ILE A 326 -26.37 -1.61 5.60
N ILE A 327 -26.92 -1.49 6.82
CA ILE A 327 -27.93 -2.43 7.30
C ILE A 327 -28.91 -1.54 8.03
N ASP A 328 -30.08 -1.35 7.44
CA ASP A 328 -31.02 -0.40 8.06
C ASP A 328 -32.35 -0.47 7.30
N LEU A 329 -33.34 0.21 7.86
CA LEU A 329 -34.64 0.35 7.23
C LEU A 329 -34.50 1.45 6.19
N HIS A 330 -35.30 1.36 5.12
CA HIS A 330 -35.32 2.40 4.08
C HIS A 330 -35.76 3.69 4.84
N PRO A 331 -35.06 4.81 4.65
CA PRO A 331 -35.49 5.99 5.41
C PRO A 331 -36.92 6.48 5.19
N GLU A 332 -37.54 6.12 4.07
CA GLU A 332 -38.92 6.53 3.81
C GLU A 332 -39.92 5.40 3.95
N HIS A 333 -39.44 4.16 4.13
CA HIS A 333 -40.37 3.04 4.24
C HIS A 333 -39.90 2.09 5.32
N SER A 334 -40.62 2.06 6.43
CA SER A 334 -40.20 1.21 7.52
C SER A 334 -40.45 -0.26 7.21
N ASN A 335 -41.18 -0.53 6.12
CA ASN A 335 -41.46 -1.90 5.73
C ASN A 335 -40.46 -2.42 4.70
N VAL A 336 -39.35 -1.70 4.54
CA VAL A 336 -38.31 -2.10 3.57
C VAL A 336 -36.97 -2.08 4.30
N VAL A 337 -36.26 -3.21 4.23
CA VAL A 337 -34.97 -3.37 4.88
C VAL A 337 -33.88 -3.44 3.81
N ILE A 338 -32.75 -2.74 4.02
CA ILE A 338 -31.68 -2.74 3.01
C ILE A 338 -30.40 -3.37 3.58
N ALA A 339 -29.72 -4.21 2.79
CA ALA A 339 -28.47 -4.83 3.22
C ALA A 339 -27.56 -4.60 2.01
N ALA A 340 -26.58 -3.72 2.16
CA ALA A 340 -25.71 -3.40 1.04
C ALA A 340 -24.31 -2.95 1.45
N GLY A 341 -23.45 -2.81 0.44
CA GLY A 341 -22.11 -2.28 0.65
C GLY A 341 -21.16 -2.99 1.59
N PHE A 342 -21.16 -4.31 1.51
CA PHE A 342 -20.31 -5.11 2.38
C PHE A 342 -18.83 -4.97 2.15
N SER A 343 -18.48 -4.17 1.15
CA SER A 343 -17.08 -3.82 0.89
C SER A 343 -16.00 -4.86 1.00
N GLY A 344 -16.30 -6.07 0.55
CA GLY A 344 -15.30 -7.11 0.56
C GLY A 344 -15.03 -7.81 1.88
N HIS A 345 -15.82 -7.54 2.92
CA HIS A 345 -15.58 -8.21 4.20
C HIS A 345 -16.86 -8.58 4.95
N GLY A 346 -17.95 -8.81 4.22
CA GLY A 346 -19.19 -9.14 4.87
C GLY A 346 -19.59 -10.61 5.05
N PHE A 347 -18.92 -11.54 4.39
CA PHE A 347 -19.44 -12.89 4.48
C PHE A 347 -19.49 -13.52 5.85
N LYS A 348 -18.39 -13.33 6.56
CA LYS A 348 -18.25 -13.87 7.90
C LYS A 348 -19.40 -13.42 8.81
N PHE A 349 -20.01 -12.28 8.49
CA PHE A 349 -21.11 -11.78 9.30
C PHE A 349 -22.46 -12.19 8.75
N SER A 350 -22.49 -12.86 7.59
CA SER A 350 -23.81 -13.14 7.02
C SER A 350 -24.81 -13.89 7.92
N SER A 351 -24.34 -14.78 8.79
CA SER A 351 -25.24 -15.50 9.67
C SER A 351 -25.87 -14.48 10.63
N GLY A 352 -25.03 -13.64 11.24
CA GLY A 352 -25.54 -12.62 12.14
C GLY A 352 -26.40 -11.60 11.40
N VAL A 353 -25.98 -11.21 10.20
CA VAL A 353 -26.80 -10.27 9.43
C VAL A 353 -28.17 -10.87 9.09
N GLY A 354 -28.24 -12.17 8.81
CA GLY A 354 -29.52 -12.79 8.51
C GLY A 354 -30.45 -12.56 9.70
N GLU A 355 -29.91 -12.71 10.89
CA GLU A 355 -30.68 -12.52 12.12
C GLU A 355 -31.15 -11.08 12.25
N VAL A 356 -30.24 -10.15 12.05
CA VAL A 356 -30.59 -8.73 12.12
C VAL A 356 -31.69 -8.39 11.11
N LEU A 357 -31.52 -8.82 9.87
CA LEU A 357 -32.54 -8.53 8.84
C LEU A 357 -33.90 -9.09 9.20
N SER A 358 -33.92 -10.26 9.81
N SER A 358 -33.92 -10.26 9.81
CA SER A 358 -35.19 -10.86 10.21
CA SER A 358 -35.20 -10.86 10.20
C SER A 358 -35.86 -10.01 11.27
C SER A 358 -35.85 -10.00 11.27
N GLN A 359 -35.06 -9.57 12.24
CA GLN A 359 -35.58 -8.73 13.30
C GLN A 359 -36.09 -7.39 12.74
N LEU A 360 -35.36 -6.79 11.80
CA LEU A 360 -35.78 -5.52 11.24
C LEU A 360 -37.06 -5.63 10.43
N ALA A 361 -37.19 -6.71 9.66
CA ALA A 361 -38.38 -6.91 8.84
C ALA A 361 -39.60 -7.21 9.70
N LEU A 362 -39.42 -8.00 10.74
CA LEU A 362 -40.54 -8.38 11.59
C LEU A 362 -40.93 -7.35 12.62
N THR A 363 -39.97 -6.58 13.12
CA THR A 363 -40.26 -5.64 14.20
C THR A 363 -39.88 -4.20 13.98
N GLY A 364 -39.09 -3.93 12.96
CA GLY A 364 -38.67 -2.57 12.73
C GLY A 364 -37.47 -2.20 13.57
N LYS A 365 -36.95 -3.15 14.35
CA LYS A 365 -35.79 -2.90 15.22
C LYS A 365 -35.00 -4.19 15.37
N THR A 366 -33.87 -4.10 16.04
CA THR A 366 -33.04 -5.27 16.26
C THR A 366 -32.40 -5.16 17.64
N GLU A 367 -32.10 -6.29 18.26
CA GLU A 367 -31.47 -6.28 19.56
C GLU A 367 -30.00 -5.87 19.36
N HIS A 368 -29.47 -6.09 18.15
CA HIS A 368 -28.07 -5.73 17.86
C HIS A 368 -27.86 -4.21 17.73
N ASP A 369 -26.67 -3.72 18.12
CA ASP A 369 -26.37 -2.31 17.94
C ASP A 369 -25.84 -2.21 16.52
N ILE A 370 -26.62 -1.61 15.63
CA ILE A 370 -26.19 -1.50 14.23
C ILE A 370 -26.03 -0.06 13.75
N SER A 371 -25.83 0.83 14.71
CA SER A 371 -25.69 2.25 14.38
C SER A 371 -24.55 2.53 13.41
N ILE A 372 -23.47 1.75 13.49
CA ILE A 372 -22.36 2.03 12.60
C ILE A 372 -22.70 1.73 11.13
N PHE A 373 -23.82 1.03 10.92
CA PHE A 373 -24.27 0.66 9.57
C PHE A 373 -25.46 1.50 9.10
N SER A 374 -25.76 2.56 9.85
CA SER A 374 -26.87 3.42 9.50
C SER A 374 -26.85 3.95 8.07
N ILE A 375 -27.99 3.85 7.39
CA ILE A 375 -28.12 4.33 6.03
C ILE A 375 -28.10 5.88 6.01
N ASN A 376 -28.27 6.48 7.18
CA ASN A 376 -28.29 7.95 7.32
C ASN A 376 -26.95 8.56 7.75
N ARG A 377 -25.92 7.76 7.95
CA ARG A 377 -24.65 8.33 8.37
C ARG A 377 -24.06 9.22 7.28
N PRO A 378 -23.49 10.38 7.67
CA PRO A 378 -22.90 11.31 6.68
C PRO A 378 -21.75 10.78 5.82
N ALA A 379 -20.92 9.92 6.40
CA ALA A 379 -19.77 9.40 5.67
C ALA A 379 -20.17 8.57 4.46
N LEU A 380 -21.43 8.19 4.45
CA LEU A 380 -21.96 7.38 3.36
C LEU A 380 -22.22 8.23 2.13
N LYS A 381 -22.71 9.46 2.39
CA LYS A 381 -23.09 10.45 1.37
C LYS A 381 -24.41 10.00 0.68
N GLU A 382 -25.38 9.59 1.49
CA GLU A 382 -26.67 9.11 0.98
C GLU A 382 -27.73 10.20 0.81
N SER A 383 -28.71 9.91 -0.03
CA SER A 383 -29.82 10.81 -0.28
C SER A 383 -30.90 10.11 -1.10
N LEU A 384 -32.02 10.81 -1.30
CA LEU A 384 -33.14 10.29 -2.06
C LEU A 384 -33.15 11.03 -3.40
N GLN A 385 -33.95 10.57 -4.37
CA GLN A 385 -34.02 11.23 -5.68
C GLN A 385 -34.91 12.49 -5.63
N SER B 1 50.51 5.77 -8.51
CA SER B 1 51.78 6.54 -8.63
C SER B 1 51.57 8.05 -8.55
N THR B 2 50.34 8.50 -8.34
CA THR B 2 50.08 9.93 -8.19
C THR B 2 49.36 10.06 -6.83
N HIS B 3 49.89 10.90 -5.95
CA HIS B 3 49.30 10.97 -4.62
C HIS B 3 48.35 12.14 -4.44
N PHE B 4 47.27 11.87 -3.72
CA PHE B 4 46.27 12.88 -3.42
C PHE B 4 46.05 12.85 -1.91
N ASP B 5 45.45 13.90 -1.37
CA ASP B 5 45.16 13.89 0.05
C ASP B 5 43.97 12.96 0.26
N VAL B 6 42.97 13.10 -0.62
CA VAL B 6 41.77 12.27 -0.49
C VAL B 6 41.28 11.82 -1.88
N ILE B 7 40.84 10.57 -1.97
CA ILE B 7 40.26 10.05 -3.21
C ILE B 7 38.77 9.73 -2.94
N VAL B 8 37.91 10.18 -3.85
CA VAL B 8 36.49 9.92 -3.75
C VAL B 8 36.15 8.99 -4.90
N VAL B 9 35.64 7.81 -4.57
CA VAL B 9 35.25 6.86 -5.60
C VAL B 9 33.72 6.91 -5.72
N GLY B 10 33.25 7.38 -6.88
CA GLY B 10 31.82 7.54 -7.11
C GLY B 10 31.54 9.02 -6.93
N ALA B 11 31.58 9.78 -8.01
CA ALA B 11 31.39 11.23 -7.89
C ALA B 11 29.99 11.67 -8.30
N GLY B 12 28.99 11.09 -7.64
CA GLY B 12 27.61 11.43 -7.88
C GLY B 12 27.06 12.39 -6.84
N SER B 13 25.82 12.15 -6.44
CA SER B 13 25.17 13.03 -5.45
C SER B 13 26.04 13.27 -4.19
N MET B 14 26.51 12.21 -3.55
CA MET B 14 27.27 12.39 -2.31
C MET B 14 28.75 12.68 -2.54
N GLY B 15 29.34 11.97 -3.49
CA GLY B 15 30.76 12.16 -3.76
C GLY B 15 31.12 13.54 -4.28
N MET B 16 30.33 14.07 -5.22
CA MET B 16 30.68 15.38 -5.74
C MET B 16 30.53 16.48 -4.70
N ALA B 17 29.56 16.33 -3.82
CA ALA B 17 29.37 17.30 -2.74
C ALA B 17 30.59 17.20 -1.79
N ALA B 18 31.00 15.98 -1.47
CA ALA B 18 32.17 15.79 -0.63
C ALA B 18 33.38 16.46 -1.31
N GLY B 19 33.51 16.26 -2.64
CA GLY B 19 34.62 16.82 -3.41
C GLY B 19 34.67 18.35 -3.28
N TYR B 20 33.50 18.95 -3.45
CA TYR B 20 33.39 20.39 -3.33
C TYR B 20 33.80 20.84 -1.90
N GLN B 21 33.32 20.14 -0.89
CA GLN B 21 33.64 20.49 0.50
C GLN B 21 35.16 20.38 0.75
N LEU B 22 35.75 19.32 0.23
CA LEU B 22 37.18 19.12 0.38
C LEU B 22 38.01 20.17 -0.37
N ALA B 23 37.69 20.37 -1.65
CA ALA B 23 38.45 21.31 -2.46
C ALA B 23 38.39 22.71 -1.90
N LYS B 24 37.22 23.09 -1.40
CA LYS B 24 37.02 24.41 -0.80
C LYS B 24 38.03 24.67 0.31
N GLN B 25 38.50 23.59 0.94
CA GLN B 25 39.46 23.72 2.04
C GLN B 25 40.91 23.50 1.63
N GLY B 26 41.16 23.45 0.33
CA GLY B 26 42.52 23.27 -0.13
C GLY B 26 43.02 21.83 -0.03
N VAL B 27 42.11 20.90 0.20
CA VAL B 27 42.52 19.49 0.27
C VAL B 27 42.65 18.95 -1.16
N LYS B 28 43.81 18.39 -1.50
CA LYS B 28 44.10 17.87 -2.84
C LYS B 28 43.24 16.63 -3.04
N THR B 29 42.24 16.77 -3.91
CA THR B 29 41.26 15.73 -4.11
C THR B 29 41.13 15.17 -5.52
N LEU B 30 40.93 13.86 -5.59
CA LEU B 30 40.72 13.16 -6.86
C LEU B 30 39.33 12.52 -6.78
N LEU B 31 38.47 12.76 -7.78
CA LEU B 31 37.15 12.16 -7.79
C LEU B 31 37.10 11.25 -8.98
N VAL B 32 36.76 9.98 -8.76
CA VAL B 32 36.73 9.01 -9.84
C VAL B 32 35.31 8.52 -10.08
N ASP B 33 34.86 8.60 -11.34
CA ASP B 33 33.51 8.13 -11.68
C ASP B 33 33.50 7.23 -12.89
N ALA B 34 32.62 6.22 -12.84
CA ALA B 34 32.45 5.25 -13.92
C ALA B 34 31.91 5.90 -15.19
N PHE B 35 31.24 7.03 -15.02
CA PHE B 35 30.67 7.76 -16.13
C PHE B 35 31.14 9.21 -16.09
N ASP B 36 30.31 10.16 -16.53
CA ASP B 36 30.70 11.58 -16.56
C ASP B 36 29.54 12.34 -15.92
N PRO B 37 29.60 12.55 -14.59
CA PRO B 37 28.54 13.25 -13.85
C PRO B 37 28.36 14.72 -14.16
N PRO B 38 27.11 15.19 -14.19
CA PRO B 38 25.93 14.35 -13.93
C PRO B 38 25.56 13.51 -15.13
N HIS B 39 25.04 12.32 -14.89
CA HIS B 39 24.68 11.46 -16.00
C HIS B 39 23.36 10.75 -15.76
N THR B 40 22.97 9.87 -16.68
CA THR B 40 21.69 9.19 -16.53
C THR B 40 21.78 7.72 -16.21
N ASN B 41 22.90 7.26 -15.67
CA ASN B 41 23.06 5.85 -15.35
C ASN B 41 22.98 5.56 -13.86
N GLY B 42 22.94 6.61 -13.03
CA GLY B 42 22.90 6.39 -11.61
C GLY B 42 21.58 6.70 -10.93
N SER B 43 21.64 7.40 -9.81
CA SER B 43 20.44 7.72 -9.03
C SER B 43 20.11 9.21 -8.96
N HIS B 44 20.74 10.05 -9.80
CA HIS B 44 20.53 11.50 -9.72
C HIS B 44 19.89 12.23 -10.89
N HIS B 45 19.41 11.52 -11.91
CA HIS B 45 18.83 12.24 -13.04
C HIS B 45 17.32 12.32 -12.95
N GLY B 46 16.69 12.80 -14.01
CA GLY B 46 15.25 12.94 -13.97
C GLY B 46 14.96 14.40 -13.59
N ASP B 47 16.02 15.22 -13.57
CA ASP B 47 15.93 16.65 -13.31
C ASP B 47 15.69 17.21 -11.89
N THR B 48 14.62 16.73 -11.25
CA THR B 48 14.17 17.22 -9.95
C THR B 48 14.07 16.23 -8.78
N ARG B 49 14.25 16.79 -7.60
CA ARG B 49 14.22 16.08 -6.33
C ARG B 49 13.53 16.92 -5.27
N ILE B 50 12.71 16.27 -4.49
CA ILE B 50 12.00 16.91 -3.41
C ILE B 50 12.91 17.08 -2.19
N ILE B 51 12.82 18.22 -1.53
CA ILE B 51 13.50 18.36 -0.23
C ILE B 51 12.37 18.73 0.73
N ARG B 52 12.31 17.98 1.82
CA ARG B 52 11.30 18.17 2.87
C ARG B 52 12.11 18.39 4.15
N HIS B 53 11.52 19.10 5.13
CA HIS B 53 12.21 19.30 6.41
C HIS B 53 11.50 18.48 7.50
N ALA B 54 10.18 18.63 7.64
CA ALA B 54 9.39 17.81 8.59
C ALA B 54 9.53 16.45 7.90
N TYR B 55 10.09 15.48 8.58
CA TYR B 55 10.42 14.22 7.92
C TYR B 55 9.69 12.97 8.36
N GLY B 56 8.82 12.48 7.46
CA GLY B 56 8.02 11.31 7.72
C GLY B 56 8.79 10.02 7.90
N GLU B 57 10.00 9.93 7.34
CA GLU B 57 10.79 8.71 7.49
C GLU B 57 11.38 8.71 8.92
N GLY B 58 11.34 9.85 9.59
CA GLY B 58 11.87 9.90 10.94
C GLY B 58 12.31 11.30 11.32
N ARG B 59 11.78 11.79 12.45
CA ARG B 59 12.11 13.12 12.95
C ARG B 59 13.60 13.33 13.20
N GLU B 60 14.37 12.25 13.40
CA GLU B 60 15.81 12.35 13.66
C GLU B 60 16.62 12.91 12.47
N TYR B 61 16.01 12.93 11.28
CA TYR B 61 16.65 13.44 10.06
C TYR B 61 16.50 14.96 9.96
N VAL B 62 15.61 15.56 10.76
CA VAL B 62 15.37 16.99 10.62
C VAL B 62 16.58 17.89 10.66
N PRO B 63 17.45 17.73 11.66
CA PRO B 63 18.63 18.61 11.71
C PRO B 63 19.47 18.55 10.41
N LEU B 64 19.68 17.35 9.90
CA LEU B 64 20.47 17.23 8.67
C LEU B 64 19.71 17.84 7.49
N ALA B 65 18.38 17.72 7.50
CA ALA B 65 17.60 18.32 6.40
C ALA B 65 17.72 19.85 6.46
N LEU B 66 17.67 20.40 7.68
CA LEU B 66 17.76 21.86 7.82
C LEU B 66 19.13 22.35 7.41
N ARG B 67 20.18 21.64 7.81
CA ARG B 67 21.52 22.03 7.43
C ARG B 67 21.68 21.92 5.91
N SER B 68 21.12 20.85 5.33
CA SER B 68 21.24 20.67 3.87
C SER B 68 20.54 21.82 3.16
N GLN B 69 19.39 22.23 3.67
CA GLN B 69 18.68 23.36 3.07
C GLN B 69 19.55 24.62 3.08
N GLU B 70 20.25 24.87 4.19
CA GLU B 70 21.12 26.05 4.31
C GLU B 70 22.19 25.97 3.25
N LEU B 71 22.76 24.78 3.10
CA LEU B 71 23.81 24.53 2.12
C LEU B 71 23.30 24.70 0.68
N TRP B 72 22.06 24.29 0.42
CA TRP B 72 21.52 24.50 -0.93
C TRP B 72 21.37 26.01 -1.19
N TYR B 73 20.88 26.78 -0.20
CA TYR B 73 20.77 28.23 -0.44
C TYR B 73 22.17 28.81 -0.71
N GLU B 74 23.19 28.28 -0.05
CA GLU B 74 24.55 28.74 -0.28
C GLU B 74 24.97 28.44 -1.72
N LEU B 75 24.75 27.21 -2.16
CA LEU B 75 25.13 26.84 -3.50
C LEU B 75 24.41 27.71 -4.52
N GLU B 76 23.14 28.05 -4.27
CA GLU B 76 22.40 28.88 -5.23
C GLU B 76 23.18 30.18 -5.49
N LYS B 77 23.72 30.76 -4.41
CA LYS B 77 24.45 32.02 -4.50
C LYS B 77 25.80 31.93 -5.15
N GLU B 78 26.38 30.72 -5.15
CA GLU B 78 27.70 30.51 -5.70
C GLU B 78 27.80 30.16 -7.17
N THR B 79 26.69 29.72 -7.78
CA THR B 79 26.74 29.29 -9.18
C THR B 79 25.68 29.92 -10.04
N HIS B 80 25.87 29.84 -11.35
CA HIS B 80 24.87 30.38 -12.26
C HIS B 80 23.80 29.32 -12.55
N HIS B 81 24.03 28.07 -12.14
CA HIS B 81 23.05 27.01 -12.40
C HIS B 81 21.88 27.16 -11.38
N LYS B 82 20.65 26.81 -11.77
CA LYS B 82 19.51 26.89 -10.86
C LYS B 82 19.57 25.71 -9.87
N ILE B 83 19.43 26.01 -8.59
CA ILE B 83 19.52 24.97 -7.57
C ILE B 83 18.21 24.59 -6.91
N PHE B 84 17.46 25.60 -6.47
CA PHE B 84 16.26 25.36 -5.65
C PHE B 84 15.08 26.27 -5.91
N THR B 85 13.88 25.67 -6.00
CA THR B 85 12.67 26.46 -6.16
C THR B 85 11.78 26.08 -4.96
N LYS B 86 11.31 27.10 -4.24
CA LYS B 86 10.52 26.88 -3.05
C LYS B 86 9.04 26.61 -3.33
N THR B 87 8.75 25.44 -3.86
CA THR B 87 7.40 25.06 -4.21
C THR B 87 6.52 24.74 -2.99
N GLY B 88 7.16 24.38 -1.87
CA GLY B 88 6.41 23.94 -0.71
C GLY B 88 6.20 22.44 -0.98
N VAL B 89 5.93 21.65 0.06
CA VAL B 89 5.70 20.22 -0.16
C VAL B 89 4.49 19.79 0.63
N LEU B 90 3.56 19.17 -0.07
CA LEU B 90 2.32 18.70 0.52
C LEU B 90 2.40 17.21 0.86
N VAL B 91 2.01 16.86 2.08
CA VAL B 91 2.00 15.44 2.50
C VAL B 91 0.56 15.11 2.95
N PHE B 92 -0.03 14.06 2.39
CA PHE B 92 -1.38 13.69 2.79
C PHE B 92 -1.60 12.20 2.81
N GLY B 93 -2.70 11.81 3.43
CA GLY B 93 -3.01 10.39 3.54
C GLY B 93 -4.31 10.22 4.28
N PRO B 94 -4.82 8.98 4.38
CA PRO B 94 -6.08 8.70 5.09
C PRO B 94 -5.86 8.99 6.56
N LYS B 95 -6.75 9.77 7.15
CA LYS B 95 -6.63 10.12 8.56
C LYS B 95 -6.45 8.90 9.46
N GLY B 96 -5.43 8.97 10.33
CA GLY B 96 -5.14 7.90 11.25
C GLY B 96 -4.68 6.60 10.62
N GLU B 97 -4.34 6.63 9.34
CA GLU B 97 -3.90 5.43 8.67
C GLU B 97 -2.60 5.57 7.91
N SER B 98 -1.82 6.58 8.25
CA SER B 98 -0.53 6.76 7.60
C SER B 98 0.57 7.05 8.61
N ALA B 99 1.48 6.12 8.81
CA ALA B 99 2.57 6.35 9.79
C ALA B 99 3.44 7.50 9.23
N PHE B 100 3.57 7.55 7.92
CA PHE B 100 4.37 8.58 7.26
C PHE B 100 3.75 9.98 7.54
N VAL B 101 2.45 10.13 7.29
CA VAL B 101 1.80 11.42 7.59
C VAL B 101 1.94 11.76 9.08
N ALA B 102 1.68 10.78 9.95
CA ALA B 102 1.78 11.02 11.40
C ALA B 102 3.18 11.40 11.85
N GLU B 103 4.23 10.76 11.32
CA GLU B 103 5.58 11.13 11.77
C GLU B 103 5.96 12.50 11.18
N THR B 104 5.43 12.82 10.01
CA THR B 104 5.72 14.13 9.42
C THR B 104 5.16 15.19 10.37
N MET B 105 3.93 14.97 10.84
CA MET B 105 3.30 15.89 11.78
C MET B 105 4.04 15.98 13.11
N GLU B 106 4.49 14.84 13.63
CA GLU B 106 5.23 14.83 14.87
C GLU B 106 6.56 15.54 14.71
N ALA B 107 7.21 15.33 13.58
CA ALA B 107 8.50 15.94 13.35
C ALA B 107 8.36 17.46 13.31
N ALA B 108 7.33 17.96 12.65
CA ALA B 108 7.11 19.40 12.57
C ALA B 108 6.86 20.00 13.96
N LYS B 109 6.07 19.32 14.79
CA LYS B 109 5.83 19.84 16.14
C LYS B 109 7.10 19.83 16.97
N GLU B 110 7.82 18.71 16.89
CA GLU B 110 9.03 18.56 17.69
C GLU B 110 10.13 19.57 17.37
N HIS B 111 10.21 20.00 16.11
CA HIS B 111 11.26 20.94 15.73
C HIS B 111 10.67 22.31 15.42
N SER B 112 9.42 22.48 15.85
CA SER B 112 8.69 23.73 15.65
C SER B 112 8.82 24.29 14.25
N LEU B 113 8.55 23.47 13.23
CA LEU B 113 8.65 23.91 11.86
C LEU B 113 7.35 24.61 11.45
N THR B 114 7.43 25.50 10.46
CA THR B 114 6.25 26.23 9.97
C THR B 114 5.46 25.35 9.00
N VAL B 115 4.25 24.96 9.37
CA VAL B 115 3.43 24.12 8.52
C VAL B 115 1.95 24.47 8.67
N ASP B 116 1.16 24.07 7.68
CA ASP B 116 -0.29 24.26 7.67
C ASP B 116 -0.90 22.86 7.73
N LEU B 117 -1.92 22.70 8.57
CA LEU B 117 -2.59 21.43 8.69
C LEU B 117 -3.96 21.62 8.10
N LEU B 118 -4.37 20.67 7.28
CA LEU B 118 -5.68 20.76 6.69
C LEU B 118 -6.21 19.37 6.44
N GLU B 119 -7.51 19.30 6.15
CA GLU B 119 -8.10 18.01 5.87
C GLU B 119 -9.29 18.03 4.94
N GLY B 120 -9.56 16.86 4.36
CA GLY B 120 -10.67 16.68 3.45
C GLY B 120 -10.82 17.71 2.35
N ASP B 121 -12.02 18.25 2.26
CA ASP B 121 -12.32 19.24 1.23
C ASP B 121 -11.41 20.47 1.22
N GLU B 122 -10.81 20.82 2.37
CA GLU B 122 -9.90 21.96 2.43
C GLU B 122 -8.70 21.77 1.53
N ILE B 123 -8.28 20.51 1.36
CA ILE B 123 -7.12 20.23 0.49
C ILE B 123 -7.53 20.51 -0.94
N ASN B 124 -8.67 19.97 -1.33
CA ASN B 124 -9.20 20.15 -2.69
C ASN B 124 -9.49 21.64 -2.99
N LYS B 125 -9.92 22.38 -1.97
CA LYS B 125 -10.24 23.79 -2.15
C LYS B 125 -8.97 24.60 -2.32
N ARG B 126 -7.99 24.37 -1.46
CA ARG B 126 -6.73 25.11 -1.58
C ARG B 126 -5.97 24.85 -2.88
N TRP B 127 -5.93 23.59 -3.33
CA TRP B 127 -5.21 23.23 -4.54
C TRP B 127 -6.10 22.60 -5.58
N PRO B 128 -6.75 23.45 -6.41
CA PRO B 128 -7.61 22.94 -7.48
C PRO B 128 -6.71 21.94 -8.22
N GLY B 129 -7.25 20.78 -8.55
CA GLY B 129 -6.44 19.79 -9.23
C GLY B 129 -6.22 18.59 -8.34
N ILE B 130 -6.37 18.76 -7.03
CA ILE B 130 -6.20 17.64 -6.12
C ILE B 130 -7.59 17.19 -5.68
N THR B 131 -7.83 15.89 -5.74
CA THR B 131 -9.12 15.35 -5.32
C THR B 131 -8.89 14.18 -4.40
N VAL B 132 -8.97 14.42 -3.09
CA VAL B 132 -8.80 13.35 -2.12
C VAL B 132 -10.13 13.09 -1.39
N PRO B 133 -10.28 11.90 -0.78
CA PRO B 133 -11.51 11.58 -0.04
C PRO B 133 -11.56 12.50 1.18
N GLU B 134 -12.76 12.68 1.74
CA GLU B 134 -12.94 13.55 2.88
C GLU B 134 -12.25 13.07 4.14
N ASN B 135 -11.95 11.78 4.21
CA ASN B 135 -11.28 11.27 5.39
C ASN B 135 -9.75 11.41 5.34
N TYR B 136 -9.25 12.17 4.36
CA TYR B 136 -7.79 12.39 4.30
C TYR B 136 -7.39 13.65 5.06
N ASN B 137 -6.18 13.66 5.63
CA ASN B 137 -5.69 14.86 6.28
C ASN B 137 -4.34 15.19 5.63
N ALA B 138 -3.77 16.33 5.99
CA ALA B 138 -2.54 16.71 5.35
C ALA B 138 -1.72 17.70 6.16
N ILE B 139 -0.44 17.77 5.84
CA ILE B 139 0.42 18.74 6.45
C ILE B 139 1.19 19.33 5.27
N PHE B 140 1.15 20.64 5.17
CA PHE B 140 1.82 21.36 4.09
C PHE B 140 2.99 22.15 4.65
N GLU B 141 4.14 22.01 4.02
CA GLU B 141 5.37 22.69 4.44
C GLU B 141 5.70 23.76 3.39
N PRO B 142 5.36 25.03 3.66
CA PRO B 142 5.65 26.06 2.66
C PRO B 142 7.09 26.38 2.31
N ASN B 143 8.01 26.07 3.20
CA ASN B 143 9.37 26.47 2.92
C ASN B 143 10.28 25.39 2.39
N SER B 144 9.72 24.23 2.13
CA SER B 144 10.57 23.24 1.51
C SER B 144 10.27 23.23 0.00
N GLY B 145 10.82 22.32 -0.77
CA GLY B 145 10.55 22.41 -2.21
C GLY B 145 11.30 21.48 -3.12
N VAL B 146 11.82 22.04 -4.22
CA VAL B 146 12.46 21.24 -5.25
C VAL B 146 13.86 21.62 -5.63
N LEU B 147 14.73 20.64 -5.68
CA LEU B 147 16.10 20.80 -6.08
C LEU B 147 16.28 20.27 -7.51
N PHE B 148 17.15 20.94 -8.27
CA PHE B 148 17.43 20.52 -9.63
C PHE B 148 18.73 19.75 -9.48
N SER B 149 18.58 18.44 -9.31
CA SER B 149 19.70 17.59 -8.97
C SER B 149 20.88 17.49 -9.92
N GLU B 150 20.60 17.47 -11.21
CA GLU B 150 21.70 17.40 -12.14
C GLU B 150 22.46 18.74 -12.05
N ASN B 151 21.71 19.83 -11.86
CA ASN B 151 22.33 21.16 -11.72
C ASN B 151 23.21 21.22 -10.45
N CYS B 152 22.75 20.57 -9.38
CA CYS B 152 23.50 20.56 -8.13
C CYS B 152 24.85 19.87 -8.35
N ILE B 153 24.82 18.71 -8.98
CA ILE B 153 26.07 17.98 -9.17
C ILE B 153 27.01 18.71 -10.12
N ARG B 154 26.45 19.25 -11.20
CA ARG B 154 27.24 20.02 -12.16
C ARG B 154 27.87 21.23 -11.45
N ALA B 155 27.08 21.97 -10.66
CA ALA B 155 27.63 23.14 -9.93
C ALA B 155 28.73 22.70 -8.97
N TYR B 156 28.46 21.68 -8.15
CA TYR B 156 29.49 21.24 -7.23
C TYR B 156 30.75 20.81 -8.00
N ARG B 157 30.57 20.17 -9.15
CA ARG B 157 31.73 19.72 -9.92
C ARG B 157 32.53 20.91 -10.44
N GLU B 158 31.84 21.88 -11.06
CA GLU B 158 32.54 23.07 -11.57
C GLU B 158 33.26 23.81 -10.48
N LEU B 159 32.60 24.00 -9.32
CA LEU B 159 33.22 24.73 -8.23
C LEU B 159 34.42 23.98 -7.66
N ALA B 160 34.30 22.66 -7.55
CA ALA B 160 35.41 21.87 -7.02
C ALA B 160 36.60 21.89 -7.99
N GLU B 161 36.35 21.65 -9.27
CA GLU B 161 37.44 21.68 -10.25
C GLU B 161 38.10 23.06 -10.29
N ALA B 162 37.32 24.14 -10.21
CA ALA B 162 37.91 25.48 -10.20
C ALA B 162 38.91 25.60 -9.05
N ARG B 163 38.67 24.88 -7.95
CA ARG B 163 39.55 24.95 -6.80
C ARG B 163 40.62 23.89 -6.77
N GLY B 164 40.82 23.23 -7.89
CA GLY B 164 41.89 22.22 -7.95
C GLY B 164 41.53 20.75 -7.89
N ALA B 165 40.27 20.42 -7.62
CA ALA B 165 39.91 19.02 -7.58
C ALA B 165 40.08 18.44 -8.99
N LYS B 166 40.52 17.17 -9.06
CA LYS B 166 40.66 16.49 -10.34
C LYS B 166 39.55 15.45 -10.42
N VAL B 167 38.90 15.39 -11.59
CA VAL B 167 37.81 14.44 -11.80
C VAL B 167 38.20 13.50 -12.93
N LEU B 168 38.28 12.22 -12.63
CA LEU B 168 38.65 11.21 -13.62
C LEU B 168 37.35 10.50 -13.98
N THR B 169 36.92 10.67 -15.23
CA THR B 169 35.67 10.12 -15.72
C THR B 169 35.80 8.81 -16.49
N HIS B 170 34.65 8.15 -16.68
CA HIS B 170 34.58 6.89 -17.42
C HIS B 170 35.63 5.92 -16.89
N THR B 171 35.79 5.91 -15.57
CA THR B 171 36.79 5.05 -14.98
C THR B 171 36.16 4.31 -13.83
N ARG B 172 35.99 3.02 -14.02
CA ARG B 172 35.38 2.19 -13.01
C ARG B 172 36.42 1.64 -12.04
N VAL B 173 36.28 1.95 -10.75
CA VAL B 173 37.24 1.44 -9.77
C VAL B 173 36.85 0.00 -9.54
N GLU B 174 37.82 -0.90 -9.67
CA GLU B 174 37.56 -2.32 -9.56
C GLU B 174 38.03 -2.98 -8.27
N ASP B 175 38.97 -2.36 -7.57
CA ASP B 175 39.46 -2.96 -6.33
C ASP B 175 40.18 -1.90 -5.50
N PHE B 176 40.35 -2.21 -4.21
CA PHE B 176 40.98 -1.32 -3.25
C PHE B 176 42.12 -1.98 -2.48
N ASP B 177 43.10 -1.19 -2.09
CA ASP B 177 44.20 -1.72 -1.29
C ASP B 177 44.33 -0.75 -0.12
N ILE B 178 43.85 -1.19 1.03
CA ILE B 178 43.88 -0.33 2.20
C ILE B 178 44.93 -0.75 3.20
N SER B 179 45.70 0.21 3.66
CA SER B 179 46.70 -0.08 4.67
C SER B 179 46.48 0.92 5.80
N PRO B 180 47.18 0.73 6.92
CA PRO B 180 47.00 1.67 8.03
C PRO B 180 47.27 3.16 7.78
N ASP B 181 48.16 3.50 6.86
CA ASP B 181 48.43 4.91 6.61
C ASP B 181 48.24 5.39 5.16
N SER B 182 47.52 4.62 4.37
CA SER B 182 47.26 5.01 2.98
C SER B 182 46.21 4.14 2.32
N VAL B 183 45.63 4.66 1.26
CA VAL B 183 44.63 3.92 0.54
C VAL B 183 45.08 3.93 -0.90
N LYS B 184 44.67 2.92 -1.65
CA LYS B 184 45.03 2.83 -3.04
C LYS B 184 43.93 2.22 -3.87
N ILE B 185 43.84 2.74 -5.09
CA ILE B 185 42.88 2.25 -6.06
C ILE B 185 43.60 1.95 -7.36
N GLU B 186 43.03 1.01 -8.09
CA GLU B 186 43.56 0.55 -9.36
C GLU B 186 42.76 1.01 -10.57
N THR B 187 43.43 1.57 -11.59
CA THR B 187 42.74 1.97 -12.82
C THR B 187 43.59 1.80 -14.07
N ALA B 188 42.89 1.61 -15.19
CA ALA B 188 43.51 1.39 -16.50
C ALA B 188 44.64 2.34 -16.86
N ASN B 189 44.46 3.63 -16.57
CA ASN B 189 45.49 4.61 -16.92
C ASN B 189 46.44 5.01 -15.78
N GLY B 190 46.43 4.23 -14.69
CA GLY B 190 47.32 4.54 -13.58
C GLY B 190 46.76 4.24 -12.21
N SER B 191 47.65 4.09 -11.23
N SER B 191 47.66 4.11 -11.23
CA SER B 191 47.21 3.82 -9.88
CA SER B 191 47.23 3.82 -9.87
C SER B 191 47.14 5.10 -9.10
C SER B 191 47.14 5.11 -9.09
N TYR B 192 46.23 5.15 -8.13
CA TYR B 192 46.13 6.34 -7.33
C TYR B 192 46.15 6.04 -5.84
N THR B 193 46.91 6.86 -5.11
CA THR B 193 46.99 6.72 -3.67
C THR B 193 46.59 8.03 -2.99
N ALA B 194 46.23 7.92 -1.71
CA ALA B 194 45.81 9.05 -0.91
C ALA B 194 45.91 8.67 0.56
N ASP B 195 45.63 9.63 1.43
CA ASP B 195 45.66 9.35 2.86
C ASP B 195 44.28 8.86 3.30
N LYS B 196 43.24 9.30 2.60
CA LYS B 196 41.85 8.97 2.93
C LYS B 196 41.04 8.59 1.71
N LEU B 197 40.04 7.73 1.91
CA LEU B 197 39.17 7.30 0.83
C LEU B 197 37.70 7.48 1.19
N ILE B 198 36.92 8.04 0.26
CA ILE B 198 35.48 8.16 0.48
C ILE B 198 34.88 7.26 -0.59
N VAL B 199 33.99 6.37 -0.17
CA VAL B 199 33.34 5.45 -1.09
C VAL B 199 31.86 5.81 -1.17
N SER B 200 31.43 6.20 -2.38
CA SER B 200 30.06 6.64 -2.58
C SER B 200 29.60 6.25 -4.00
N MET B 201 29.54 4.95 -4.21
CA MET B 201 29.18 4.41 -5.50
C MET B 201 27.72 4.16 -5.80
N GLY B 202 26.83 4.73 -5.00
CA GLY B 202 25.42 4.55 -5.29
C GLY B 202 24.99 3.10 -5.43
N ALA B 203 24.24 2.81 -6.48
CA ALA B 203 23.72 1.45 -6.67
C ALA B 203 24.83 0.40 -6.74
N TRP B 204 26.03 0.81 -7.15
CA TRP B 204 27.15 -0.11 -7.25
C TRP B 204 27.81 -0.44 -5.90
N ASN B 205 27.36 0.21 -4.82
CA ASN B 205 27.90 -0.13 -3.50
C ASN B 205 27.48 -1.58 -3.22
N SER B 206 26.30 -1.95 -3.72
CA SER B 206 25.73 -3.29 -3.48
C SER B 206 26.55 -4.39 -4.10
N LYS B 207 27.46 -4.03 -5.03
CA LYS B 207 28.30 -4.99 -5.71
C LYS B 207 29.77 -4.84 -5.36
N LEU B 208 30.22 -3.64 -5.02
CA LEU B 208 31.65 -3.48 -4.74
C LEU B 208 32.14 -3.29 -3.30
N LEU B 209 31.25 -3.24 -2.31
CA LEU B 209 31.69 -3.09 -0.92
C LEU B 209 32.33 -4.38 -0.43
N SER B 210 32.08 -5.48 -1.13
CA SER B 210 32.71 -6.74 -0.75
C SER B 210 34.22 -6.63 -1.04
N LYS B 211 34.64 -5.70 -1.89
CA LYS B 211 36.07 -5.50 -2.18
C LYS B 211 36.71 -4.82 -0.99
N LEU B 212 35.88 -4.39 -0.04
CA LEU B 212 36.38 -3.73 1.17
C LEU B 212 36.07 -4.63 2.36
N ASN B 213 35.82 -5.89 2.06
CA ASN B 213 35.52 -6.88 3.10
C ASN B 213 34.21 -6.61 3.85
N LEU B 214 33.25 -5.98 3.20
CA LEU B 214 32.00 -5.68 3.85
C LEU B 214 30.89 -6.51 3.22
N ASP B 215 29.97 -6.94 4.07
CA ASP B 215 28.82 -7.72 3.65
C ASP B 215 27.57 -7.08 4.24
N ILE B 216 26.95 -6.16 3.50
CA ILE B 216 25.77 -5.45 3.99
C ILE B 216 24.64 -5.55 2.98
N PRO B 217 23.46 -6.02 3.40
CA PRO B 217 22.34 -6.12 2.46
C PRO B 217 22.01 -4.76 1.84
N LEU B 218 22.22 -4.62 0.54
CA LEU B 218 21.93 -3.38 -0.18
C LEU B 218 21.27 -3.86 -1.48
N GLN B 219 19.99 -3.56 -1.64
CA GLN B 219 19.25 -4.00 -2.81
C GLN B 219 18.89 -2.86 -3.74
N PRO B 220 19.39 -2.90 -4.97
CA PRO B 220 19.10 -1.86 -5.98
C PRO B 220 17.72 -2.15 -6.56
N TYR B 221 16.96 -1.08 -6.82
CA TYR B 221 15.61 -1.18 -7.39
C TYR B 221 15.48 -0.23 -8.56
N ARG B 222 14.72 -0.67 -9.57
CA ARG B 222 14.45 0.13 -10.77
C ARG B 222 13.22 0.97 -10.45
N GLN B 223 13.38 2.29 -10.53
CA GLN B 223 12.31 3.22 -10.18
C GLN B 223 12.10 4.22 -11.29
N VAL B 224 10.90 4.21 -11.86
CA VAL B 224 10.59 5.12 -12.93
C VAL B 224 9.81 6.35 -12.51
N VAL B 225 9.87 7.38 -13.37
CA VAL B 225 9.09 8.60 -13.17
C VAL B 225 8.55 9.00 -14.57
N GLY B 226 7.41 9.68 -14.60
CA GLY B 226 6.81 10.10 -15.86
C GLY B 226 6.38 11.55 -15.75
N PHE B 227 6.48 12.29 -16.86
CA PHE B 227 6.07 13.70 -16.94
C PHE B 227 4.81 13.62 -17.82
N PHE B 228 3.71 14.22 -17.35
CA PHE B 228 2.44 14.18 -18.06
C PHE B 228 1.90 15.55 -18.43
N GLU B 229 1.33 15.65 -19.62
CA GLU B 229 0.73 16.90 -20.08
C GLU B 229 -0.40 17.17 -19.07
N SER B 230 -0.44 18.39 -18.54
CA SER B 230 -1.42 18.72 -17.53
C SER B 230 -2.10 20.06 -17.73
N ASP B 231 -3.16 20.28 -16.97
CA ASP B 231 -3.88 21.53 -17.00
C ASP B 231 -2.98 22.53 -16.27
N GLU B 232 -2.30 23.38 -17.03
CA GLU B 232 -1.36 24.34 -16.44
C GLU B 232 -1.99 25.36 -15.51
N SER B 233 -3.28 25.59 -15.66
CA SER B 233 -3.96 26.55 -14.80
C SER B 233 -4.13 26.00 -13.40
N LYS B 234 -3.82 24.72 -13.26
CA LYS B 234 -3.93 24.05 -11.97
C LYS B 234 -2.63 23.44 -11.43
N TYR B 235 -1.82 22.86 -12.31
CA TYR B 235 -0.64 22.14 -11.85
C TYR B 235 0.71 22.78 -12.02
N SER B 236 0.72 24.03 -12.49
CA SER B 236 1.96 24.77 -12.70
C SER B 236 2.56 25.23 -11.40
N ASN B 237 3.88 25.25 -11.34
CA ASN B 237 4.58 25.81 -10.18
C ASN B 237 4.11 27.29 -10.06
N ASP B 238 3.84 27.92 -11.22
CA ASP B 238 3.45 29.34 -11.29
C ASP B 238 2.17 29.65 -10.53
N ILE B 239 1.26 28.67 -10.41
CA ILE B 239 0.01 28.89 -9.69
C ILE B 239 0.08 28.18 -8.32
N ASP B 240 1.31 27.96 -7.89
CA ASP B 240 1.59 27.36 -6.58
C ASP B 240 1.14 25.92 -6.32
N PHE B 241 1.14 25.10 -7.37
CA PHE B 241 0.83 23.70 -7.14
C PHE B 241 2.12 23.21 -6.46
N PRO B 242 1.98 22.47 -5.34
CA PRO B 242 3.16 22.01 -4.61
C PRO B 242 3.83 20.73 -5.03
N GLY B 243 5.02 20.52 -4.47
CA GLY B 243 5.71 19.25 -4.67
C GLY B 243 4.88 18.38 -3.71
N PHE B 244 5.02 17.05 -3.75
CA PHE B 244 4.19 16.27 -2.83
C PHE B 244 4.71 14.85 -2.64
N MET B 245 4.41 14.27 -1.48
CA MET B 245 4.78 12.90 -1.18
C MET B 245 3.60 12.47 -0.34
N VAL B 246 2.87 11.48 -0.83
CA VAL B 246 1.65 11.08 -0.16
C VAL B 246 1.49 9.57 -0.02
N GLU B 247 0.58 9.18 0.88
CA GLU B 247 0.32 7.78 1.10
C GLU B 247 -1.13 7.45 0.80
N VAL B 248 -1.32 6.49 -0.11
CA VAL B 248 -2.65 6.03 -0.47
C VAL B 248 -2.70 4.52 -0.15
N PRO B 249 -3.85 3.86 -0.32
CA PRO B 249 -3.96 2.43 0.00
C PRO B 249 -2.86 1.50 -0.54
N ASN B 250 -2.48 1.67 -1.81
CA ASN B 250 -1.45 0.84 -2.42
C ASN B 250 -0.03 1.36 -2.23
N GLY B 251 0.16 2.37 -1.41
CA GLY B 251 1.52 2.85 -1.21
C GLY B 251 1.78 4.35 -1.27
N ILE B 252 3.07 4.68 -1.40
CA ILE B 252 3.49 6.06 -1.42
C ILE B 252 3.85 6.56 -2.79
N TYR B 253 3.36 7.76 -3.10
CA TYR B 253 3.64 8.42 -4.38
C TYR B 253 4.26 9.79 -4.10
N TYR B 254 5.02 10.30 -5.06
CA TYR B 254 5.62 11.62 -4.93
C TYR B 254 5.61 12.28 -6.30
N GLY B 255 5.62 13.60 -6.28
CA GLY B 255 5.55 14.30 -7.55
C GLY B 255 5.90 15.78 -7.44
N PHE B 256 5.91 16.39 -8.61
CA PHE B 256 6.32 17.76 -8.81
C PHE B 256 5.37 18.57 -9.67
N PRO B 257 5.22 19.87 -9.40
CA PRO B 257 4.34 20.66 -10.26
C PRO B 257 5.06 20.84 -11.62
N SER B 258 4.32 21.27 -12.63
CA SER B 258 4.89 21.49 -13.95
C SER B 258 5.74 22.77 -13.90
N PHE B 259 6.97 22.68 -14.37
CA PHE B 259 7.83 23.86 -14.39
C PHE B 259 7.95 24.25 -15.88
N GLY B 260 7.63 25.51 -16.20
CA GLY B 260 7.71 25.93 -17.59
C GLY B 260 7.00 25.01 -18.57
N GLY B 261 5.84 24.47 -18.17
CA GLY B 261 5.10 23.57 -19.06
C GLY B 261 5.71 22.19 -19.33
N CYS B 262 6.64 21.73 -18.49
CA CYS B 262 7.25 20.42 -18.69
C CYS B 262 6.28 19.30 -18.30
N GLY B 263 5.20 19.67 -17.61
CA GLY B 263 4.22 18.69 -17.19
C GLY B 263 4.43 18.20 -15.76
N LEU B 264 3.36 17.78 -15.10
CA LEU B 264 3.45 17.28 -13.74
C LEU B 264 4.28 15.98 -13.79
N LYS B 265 5.17 15.80 -12.82
CA LYS B 265 6.03 14.62 -12.76
C LYS B 265 5.60 13.77 -11.57
N LEU B 266 5.52 12.47 -11.78
CA LEU B 266 5.06 11.56 -10.73
C LEU B 266 5.87 10.29 -10.65
N GLY B 267 6.08 9.81 -9.43
CA GLY B 267 6.79 8.55 -9.21
C GLY B 267 6.03 7.71 -8.19
N TYR B 268 6.13 6.39 -8.28
CA TYR B 268 5.49 5.47 -7.32
C TYR B 268 6.71 4.95 -6.56
N HIS B 269 6.74 5.30 -5.29
CA HIS B 269 7.85 5.01 -4.39
C HIS B 269 7.94 3.60 -3.79
N THR B 270 6.79 3.08 -3.41
CA THR B 270 6.61 1.79 -2.78
C THR B 270 7.08 0.56 -3.55
N PHE B 271 6.90 0.60 -4.87
CA PHE B 271 7.24 -0.53 -5.72
C PHE B 271 8.32 -0.21 -6.75
N GLY B 272 9.14 -1.20 -7.05
CA GLY B 272 10.19 -1.08 -8.06
C GLY B 272 10.72 -2.47 -8.35
N GLN B 273 11.31 -2.70 -9.51
CA GLN B 273 11.85 -4.04 -9.81
C GLN B 273 13.23 -4.22 -9.18
N LYS B 274 13.47 -5.40 -8.60
CA LYS B 274 14.80 -5.65 -8.04
C LYS B 274 15.71 -5.83 -9.26
N ILE B 275 16.82 -5.10 -9.32
CA ILE B 275 17.73 -5.21 -10.47
C ILE B 275 19.20 -5.17 -10.09
N ASP B 276 20.06 -5.30 -11.10
CA ASP B 276 21.50 -5.21 -10.91
C ASP B 276 21.82 -3.94 -11.69
N PRO B 277 22.60 -3.00 -11.11
CA PRO B 277 22.92 -1.76 -11.83
C PRO B 277 23.61 -1.89 -13.16
N ASP B 278 24.19 -3.06 -13.43
CA ASP B 278 24.86 -3.21 -14.70
C ASP B 278 23.97 -3.86 -15.78
N THR B 279 22.81 -4.37 -15.38
CA THR B 279 21.89 -5.02 -16.32
C THR B 279 20.48 -4.44 -16.30
N ILE B 280 20.27 -3.37 -15.54
CA ILE B 280 18.96 -2.74 -15.47
C ILE B 280 18.53 -2.23 -16.88
N ASN B 281 17.24 -2.34 -17.20
CA ASN B 281 16.76 -1.81 -18.48
C ASN B 281 16.38 -0.36 -18.19
N ARG B 282 17.10 0.58 -18.79
CA ARG B 282 16.89 2.00 -18.53
C ARG B 282 15.89 2.69 -19.45
N GLU B 283 15.09 1.90 -20.14
CA GLU B 283 14.09 2.45 -21.03
C GLU B 283 12.73 2.46 -20.34
N PHE B 284 12.11 3.64 -20.29
CA PHE B 284 10.80 3.76 -19.65
C PHE B 284 9.72 3.14 -20.53
N GLY B 285 8.82 2.37 -19.94
CA GLY B 285 7.72 1.79 -20.67
C GLY B 285 7.86 0.34 -21.10
N VAL B 286 9.03 -0.26 -20.87
CA VAL B 286 9.22 -1.65 -21.27
C VAL B 286 8.42 -2.58 -20.38
N TYR B 287 8.03 -2.10 -19.19
CA TYR B 287 7.19 -2.89 -18.29
C TYR B 287 5.86 -2.14 -18.29
N PRO B 288 4.74 -2.85 -18.44
CA PRO B 288 3.46 -2.13 -18.43
C PRO B 288 3.18 -1.36 -17.14
N GLU B 289 3.69 -1.83 -15.99
CA GLU B 289 3.48 -1.12 -14.71
C GLU B 289 4.09 0.28 -14.71
N ASP B 290 5.15 0.48 -15.50
CA ASP B 290 5.84 1.79 -15.57
C ASP B 290 4.82 2.92 -15.72
N GLU B 291 4.02 2.82 -16.76
CA GLU B 291 3.05 3.88 -16.97
C GLU B 291 1.72 3.66 -16.26
N SER B 292 1.27 2.42 -16.15
CA SER B 292 -0.02 2.19 -15.53
C SER B 292 -0.13 2.50 -14.02
N ASN B 293 0.94 2.23 -13.25
CA ASN B 293 0.90 2.56 -11.81
C ASN B 293 0.79 4.09 -11.65
N LEU B 294 1.37 4.86 -12.56
CA LEU B 294 1.29 6.31 -12.45
C LEU B 294 -0.13 6.81 -12.79
N ARG B 295 -0.67 6.36 -13.91
CA ARG B 295 -2.00 6.84 -14.29
C ARG B 295 -3.07 6.42 -13.30
N ALA B 296 -2.89 5.25 -12.66
CA ALA B 296 -3.86 4.80 -11.66
C ALA B 296 -3.98 5.83 -10.55
N PHE B 297 -2.86 6.42 -10.13
CA PHE B 297 -2.87 7.45 -9.08
C PHE B 297 -3.47 8.76 -9.61
N LEU B 298 -2.98 9.21 -10.76
CA LEU B 298 -3.43 10.45 -11.37
C LEU B 298 -4.94 10.52 -11.66
N GLU B 299 -5.48 9.47 -12.26
CA GLU B 299 -6.91 9.49 -12.57
C GLU B 299 -7.74 9.60 -11.30
N GLU B 300 -7.22 9.09 -10.20
CA GLU B 300 -7.96 9.15 -8.95
C GLU B 300 -7.76 10.41 -8.11
N TYR B 301 -6.52 10.91 -8.06
CA TYR B 301 -6.19 12.07 -7.21
C TYR B 301 -5.80 13.41 -7.85
N MET B 302 -5.36 13.40 -9.10
CA MET B 302 -4.93 14.62 -9.81
C MET B 302 -5.36 14.37 -11.22
N PRO B 303 -6.68 14.27 -11.42
CA PRO B 303 -7.27 13.98 -12.72
C PRO B 303 -6.94 14.89 -13.91
N GLY B 304 -6.60 16.16 -13.63
CA GLY B 304 -6.27 17.08 -14.70
C GLY B 304 -4.82 17.01 -15.14
N ALA B 305 -4.07 16.11 -14.50
CA ALA B 305 -2.67 15.92 -14.82
C ALA B 305 -2.43 14.52 -15.41
N ASN B 306 -3.44 13.98 -16.07
CA ASN B 306 -3.35 12.63 -16.64
C ASN B 306 -3.39 12.68 -18.15
N GLY B 307 -2.65 13.63 -18.72
CA GLY B 307 -2.62 13.77 -20.14
C GLY B 307 -1.58 12.88 -20.79
N GLU B 308 -1.20 13.25 -21.99
CA GLU B 308 -0.22 12.50 -22.75
C GLU B 308 1.12 12.44 -22.03
N LEU B 309 1.78 11.29 -22.12
CA LEU B 309 3.08 11.12 -21.50
C LEU B 309 4.08 11.90 -22.34
N LYS B 310 4.75 12.86 -21.72
CA LYS B 310 5.72 13.69 -22.42
C LYS B 310 7.15 13.17 -22.31
N ARG B 311 7.46 12.54 -21.19
CA ARG B 311 8.82 12.09 -20.94
C ARG B 311 8.84 11.04 -19.83
N GLY B 312 9.79 10.11 -19.89
CA GLY B 312 9.94 9.10 -18.88
C GLY B 312 11.43 9.00 -18.52
N ALA B 313 11.75 8.52 -17.34
CA ALA B 313 13.14 8.35 -16.92
C ALA B 313 13.18 7.12 -16.01
N VAL B 314 14.31 6.44 -16.01
CA VAL B 314 14.45 5.23 -15.18
C VAL B 314 15.64 5.49 -14.29
N CYS B 315 15.45 5.29 -12.99
CA CYS B 315 16.55 5.61 -12.09
C CYS B 315 16.62 4.54 -11.00
N MET B 316 17.62 4.57 -10.13
CA MET B 316 17.72 3.52 -9.11
C MET B 316 17.77 3.93 -7.64
N TYR B 317 17.16 3.12 -6.79
CA TYR B 317 17.24 3.32 -5.34
C TYR B 317 18.18 2.20 -4.91
N THR B 318 18.80 2.36 -3.74
CA THR B 318 19.63 1.31 -3.17
C THR B 318 19.13 1.24 -1.72
N LYS B 319 18.39 0.18 -1.39
CA LYS B 319 17.81 0.12 -0.05
C LYS B 319 18.57 -0.70 0.98
N THR B 320 18.56 -0.21 2.20
CA THR B 320 19.12 -0.94 3.33
C THR B 320 17.87 -1.64 3.89
N LEU B 321 18.06 -2.59 4.81
CA LEU B 321 16.92 -3.27 5.41
C LEU B 321 15.99 -2.38 6.22
N ASP B 322 16.53 -1.33 6.85
CA ASP B 322 15.69 -0.43 7.66
C ASP B 322 15.38 0.88 6.93
N GLU B 323 15.87 0.95 5.71
CA GLU B 323 15.68 2.11 4.84
C GLU B 323 16.31 3.41 5.34
N HIS B 324 17.26 3.27 6.26
CA HIS B 324 18.01 4.42 6.77
C HIS B 324 19.39 4.37 6.10
N PHE B 325 20.03 5.52 5.99
CA PHE B 325 21.32 5.57 5.33
C PHE B 325 22.48 4.90 6.08
N ILE B 326 23.59 4.76 5.36
CA ILE B 326 24.81 4.30 5.95
C ILE B 326 25.81 5.43 5.71
N ILE B 327 26.26 6.07 6.78
CA ILE B 327 27.24 7.14 6.69
C ILE B 327 28.14 6.90 7.88
N ASP B 328 29.36 6.43 7.64
CA ASP B 328 30.23 6.09 8.76
C ASP B 328 31.63 5.71 8.25
N LEU B 329 32.55 5.53 9.18
CA LEU B 329 33.89 5.06 8.83
C LEU B 329 33.79 3.55 8.67
N HIS B 330 34.64 2.98 7.82
CA HIS B 330 34.71 1.54 7.63
C HIS B 330 35.06 1.00 9.03
N PRO B 331 34.36 -0.04 9.51
CA PRO B 331 34.70 -0.52 10.84
C PRO B 331 36.14 -0.98 11.09
N GLU B 332 36.84 -1.37 10.04
CA GLU B 332 38.23 -1.82 10.18
C GLU B 332 39.25 -0.79 9.72
N HIS B 333 38.78 0.29 9.10
CA HIS B 333 39.72 1.28 8.55
C HIS B 333 39.21 2.66 8.80
N SER B 334 39.84 3.37 9.72
CA SER B 334 39.38 4.70 10.06
C SER B 334 39.70 5.70 8.97
N ASN B 335 40.49 5.30 7.98
CA ASN B 335 40.85 6.18 6.85
C ASN B 335 39.95 5.93 5.63
N VAL B 336 38.85 5.21 5.83
CA VAL B 336 37.88 4.92 4.76
C VAL B 336 36.50 5.33 5.26
N VAL B 337 35.80 6.13 4.45
CA VAL B 337 34.47 6.63 4.79
C VAL B 337 33.50 6.03 3.79
N ILE B 338 32.36 5.55 4.28
CA ILE B 338 31.35 4.91 3.42
C ILE B 338 30.05 5.71 3.40
N ALA B 339 29.48 5.91 2.21
CA ALA B 339 28.20 6.61 2.08
C ALA B 339 27.36 5.69 1.17
N ALA B 340 26.38 5.02 1.73
CA ALA B 340 25.57 4.08 0.96
C ALA B 340 24.14 3.92 1.47
N GLY B 341 23.35 3.18 0.70
CA GLY B 341 21.96 2.85 1.05
C GLY B 341 20.98 3.97 1.31
N PHE B 342 20.98 4.98 0.44
CA PHE B 342 20.09 6.12 0.61
C PHE B 342 18.62 5.82 0.39
N SER B 343 18.35 4.59 -0.01
CA SER B 343 16.98 4.10 -0.08
C SER B 343 15.92 4.98 -0.71
N GLY B 344 16.27 5.69 -1.77
CA GLY B 344 15.29 6.51 -2.46
C GLY B 344 14.94 7.83 -1.82
N HIS B 345 15.66 8.28 -0.79
CA HIS B 345 15.34 9.57 -0.17
C HIS B 345 16.57 10.35 0.30
N GLY B 346 17.71 10.10 -0.34
CA GLY B 346 18.92 10.79 0.07
C GLY B 346 19.34 12.06 -0.65
N PHE B 347 18.78 12.37 -1.81
CA PHE B 347 19.30 13.55 -2.51
C PHE B 347 19.23 14.88 -1.79
N LYS B 348 18.11 15.10 -1.10
CA LYS B 348 17.91 16.35 -0.39
C LYS B 348 18.98 16.59 0.63
N PHE B 349 19.57 15.51 1.13
CA PHE B 349 20.59 15.61 2.17
C PHE B 349 21.99 15.63 1.59
N SER B 350 22.12 15.47 0.28
CA SER B 350 23.48 15.38 -0.26
C SER B 350 24.43 16.55 0.05
N SER B 351 23.92 17.79 0.14
CA SER B 351 24.77 18.91 0.50
C SER B 351 25.28 18.67 1.94
N GLY B 352 24.36 18.34 2.86
CA GLY B 352 24.76 18.06 4.22
C GLY B 352 25.69 16.85 4.32
N VAL B 353 25.37 15.80 3.56
CA VAL B 353 26.21 14.62 3.58
C VAL B 353 27.60 14.93 3.04
N GLY B 354 27.72 15.82 2.04
CA GLY B 354 29.05 16.14 1.55
C GLY B 354 29.87 16.74 2.71
N GLU B 355 29.26 17.59 3.52
CA GLU B 355 29.95 18.19 4.67
C GLU B 355 30.34 17.11 5.66
N VAL B 356 29.42 16.19 5.97
CA VAL B 356 29.72 15.12 6.92
C VAL B 356 30.87 14.26 6.41
N LEU B 357 30.83 13.88 5.14
CA LEU B 357 31.91 13.04 4.58
C LEU B 357 33.27 13.74 4.68
N SER B 358 33.29 15.05 4.43
N SER B 358 33.28 15.05 4.43
CA SER B 358 34.53 15.81 4.50
CA SER B 358 34.53 15.79 4.51
C SER B 358 35.06 15.78 5.93
C SER B 358 35.07 15.77 5.93
N GLN B 359 34.17 15.98 6.89
CA GLN B 359 34.56 15.98 8.30
C GLN B 359 35.09 14.61 8.70
N LEU B 360 34.41 13.55 8.27
CA LEU B 360 34.86 12.20 8.62
C LEU B 360 36.21 11.86 7.99
N ALA B 361 36.40 12.24 6.73
CA ALA B 361 37.67 11.94 6.06
C ALA B 361 38.83 12.75 6.64
N LEU B 362 38.60 14.00 6.96
CA LEU B 362 39.67 14.82 7.52
C LEU B 362 39.94 14.60 9.00
N THR B 363 38.89 14.30 9.76
CA THR B 363 39.07 14.20 11.21
C THR B 363 38.67 12.91 11.90
N GLY B 364 37.97 12.04 11.18
CA GLY B 364 37.53 10.80 11.81
C GLY B 364 36.27 11.01 12.62
N LYS B 365 35.74 12.23 12.61
CA LYS B 365 34.51 12.52 13.35
C LYS B 365 33.71 13.60 12.62
N THR B 366 32.52 13.90 13.11
CA THR B 366 31.72 14.95 12.50
C THR B 366 30.99 15.70 13.62
N GLU B 367 30.63 16.95 13.37
CA GLU B 367 29.92 17.70 14.39
C GLU B 367 28.47 17.23 14.39
N HIS B 368 28.02 16.67 13.28
CA HIS B 368 26.65 16.17 13.17
C HIS B 368 26.43 14.87 13.95
N ASP B 369 25.22 14.68 14.47
CA ASP B 369 24.91 13.43 15.16
C ASP B 369 24.51 12.51 14.01
N ILE B 370 25.32 11.50 13.73
CA ILE B 370 24.99 10.58 12.65
C ILE B 370 24.82 9.13 13.11
N SER B 371 24.51 8.96 14.39
CA SER B 371 24.37 7.63 14.96
C SER B 371 23.28 6.80 14.29
N ILE B 372 22.23 7.45 13.77
CA ILE B 372 21.16 6.67 13.15
C ILE B 372 21.63 6.04 11.82
N PHE B 373 22.78 6.51 11.34
CA PHE B 373 23.35 6.00 10.09
C PHE B 373 24.54 5.07 10.33
N SER B 374 24.74 4.66 11.58
CA SER B 374 25.88 3.80 11.91
C SER B 374 25.95 2.51 11.09
N ILE B 375 27.14 2.16 10.65
CA ILE B 375 27.35 0.96 9.86
C ILE B 375 27.29 -0.27 10.77
N ASN B 376 27.33 -0.02 12.08
CA ASN B 376 27.30 -1.10 13.08
C ASN B 376 25.91 -1.34 13.68
N ARG B 377 24.90 -0.57 13.28
CA ARG B 377 23.59 -0.82 13.86
C ARG B 377 23.08 -2.23 13.44
N PRO B 378 22.44 -2.94 14.37
CA PRO B 378 21.91 -4.29 14.10
C PRO B 378 20.85 -4.43 13.02
N ALA B 379 19.98 -3.43 12.91
CA ALA B 379 18.90 -3.49 11.93
C ALA B 379 19.44 -3.54 10.50
N LEU B 380 20.71 -3.19 10.34
CA LEU B 380 21.34 -3.19 9.05
C LEU B 380 21.71 -4.61 8.60
N LYS B 381 22.09 -5.44 9.58
CA LYS B 381 22.55 -6.83 9.38
C LYS B 381 23.90 -6.85 8.66
N GLU B 382 24.83 -6.00 9.13
CA GLU B 382 26.16 -5.90 8.54
C GLU B 382 27.21 -6.83 9.13
N SER B 383 28.27 -7.10 8.38
CA SER B 383 29.36 -7.95 8.81
C SER B 383 30.51 -7.86 7.83
N LEU B 384 31.63 -8.50 8.18
CA LEU B 384 32.82 -8.53 7.33
C LEU B 384 32.92 -9.92 6.70
N GLN B 385 33.79 -10.10 5.71
CA GLN B 385 33.95 -11.43 5.07
C GLN B 385 34.80 -12.35 5.94
#